data_5HBV
#
_entry.id   5HBV
#
_cell.length_a   159.905
_cell.length_b   42.024
_cell.length_c   137.583
_cell.angle_alpha   90.00
_cell.angle_beta   116.46
_cell.angle_gamma   90.00
#
_symmetry.space_group_name_H-M   'C 1 2 1'
#
loop_
_entity.id
_entity.type
_entity.pdbx_description
1 polymer 'Alpha-bungarotoxin isoform V31'
2 polymer 'Acetylcholine receptor subunit alpha 1'
3 polymer 'Fab35, Light Chain'
4 polymer 'Fab35, Heavy Chain'
5 branched alpha-D-mannopyranose-(1-2)-alpha-D-mannopyranose-(1-2)-alpha-D-mannopyranose-(1-3)-[alpha-D-mannopyranose-(1-3)-[alpha-D-mannopyranose-(1-6)]alpha-D-mannopyranose-(1-6)]beta-D-mannopyranose-(1-4)-2-acetamido-2-deoxy-beta-D-glucopyranose-(1-4)-2-acetamido-2-deoxy-beta-D-glucopyranose
6 water water
#
loop_
_entity_poly.entity_id
_entity_poly.type
_entity_poly.pdbx_seq_one_letter_code
_entity_poly.pdbx_strand_id
1 'polypeptide(L)' IVCHTTATSPISAVTCPPGENLCYRKMWCDVFCSSRGKVVELGCAATCPSKKPYEEVTCCSTDKCNPHPKQRPG A
2 'polypeptide(L)'
;KSEHETRLEAKLFEDYSSVVRPVEDHREIVQVTVGLQLIQLINVDEVNQIVTTNVRLKQQWVDYNLKWNPDDYGGVKKIH
IPSEKIWRPDVVLYNNADGDFAIVKFTKVLLDYTGHITWTPPAIFKSYCEIIVTHFPFDEQNCSMKLGTRTYDGSAVAIN
PESDQPDLSNFMESGEWVIKEARGWKHWVFYSCCPTTPYLDITYHFVMQRLP
;
B
3 'polypeptide(L)'
;DIVITQSPSLLSASVGDRVTLTCKGSQNIDNYLAWYQQKLGEAPKLLIYKTNSLQTGIPSRFSGSGSGTDYTLTISSLHS
EDLATYYCYQYINGYTFGTGTKLELKRADAAPTVSIFPPSTEQLATGGASVVCLMNNFYPRDISVKWKIDGTERRDGVLD
SVTDQDSKDSTYSMSSTLSLTKADYESHNLYTCEVVHKTSSSPVVKSFNRNEC
;
C
4 'polypeptide(L)'
;EVQLQESGPGLVQPSETLSLTCTVSGFSLTSYSVSWLRQPSGKGPEWMGRMWDDGGTVYNSGLKSRLSISRDTSKNQVFL
KMNSLQTDDTGTYYCTRDERIRAINWFAYWGQGTLVTVSSAETTAPSVYPLAPGTALKSNSMVTLGCLVKGYFPEPVTVT
WNSGALSSGVHTFPAVLQSGLYTLTSSVTVPSSTWPSQTVTCNVAHPGQQHQRWTRKLC
;
D
#
# COMPACT_ATOMS: atom_id res chain seq x y z
N ILE A 1 34.90 -43.26 -24.24
CA ILE A 1 35.74 -42.14 -23.73
C ILE A 1 34.85 -41.03 -23.18
N VAL A 2 35.31 -40.39 -22.10
CA VAL A 2 34.63 -39.23 -21.50
C VAL A 2 35.31 -37.93 -21.97
N CYS A 3 34.49 -36.95 -22.38
CA CYS A 3 34.96 -35.66 -22.91
C CYS A 3 34.31 -34.48 -22.18
N HIS A 4 35.05 -33.40 -21.97
CA HIS A 4 34.43 -32.14 -21.53
C HIS A 4 33.62 -31.59 -22.71
N THR A 5 32.54 -30.89 -22.40
CA THR A 5 31.65 -30.37 -23.44
C THR A 5 31.10 -28.98 -23.09
N THR A 6 31.18 -28.06 -24.05
CA THR A 6 30.50 -26.77 -23.97
C THR A 6 29.05 -26.84 -24.52
N ALA A 7 28.58 -28.03 -24.86
CA ALA A 7 27.15 -28.23 -25.15
C ALA A 7 26.30 -27.84 -23.94
N THR A 8 26.78 -28.15 -22.74
CA THR A 8 26.09 -27.83 -21.50
C THR A 8 26.60 -26.53 -20.88
N SER A 9 25.92 -26.07 -19.83
CA SER A 9 26.35 -24.92 -19.02
C SER A 9 25.96 -25.12 -17.54
N PRO A 10 26.96 -25.15 -16.62
CA PRO A 10 28.39 -25.05 -16.89
C PRO A 10 28.94 -26.25 -17.68
N ILE A 11 30.23 -26.17 -18.03
CA ILE A 11 30.90 -27.20 -18.82
C ILE A 11 30.88 -28.50 -18.02
N SER A 12 30.67 -29.62 -18.72
CA SER A 12 30.46 -30.92 -18.10
C SER A 12 31.27 -32.00 -18.77
N ALA A 13 31.52 -33.08 -18.04
CA ALA A 13 32.13 -34.29 -18.59
C ALA A 13 31.00 -35.20 -19.04
N VAL A 14 31.07 -35.63 -20.30
CA VAL A 14 30.03 -36.45 -20.92
C VAL A 14 30.68 -37.68 -21.58
N THR A 15 29.97 -38.82 -21.53
CA THR A 15 30.41 -40.02 -22.25
C THR A 15 30.21 -39.77 -23.73
N CYS A 16 31.32 -39.69 -24.46
CA CYS A 16 31.30 -39.44 -25.90
C CYS A 16 30.61 -40.66 -26.58
N PRO A 17 29.61 -40.42 -27.48
CA PRO A 17 28.81 -41.53 -28.06
C PRO A 17 29.58 -42.52 -28.97
N PRO A 18 28.95 -43.65 -29.35
CA PRO A 18 29.68 -44.69 -30.09
C PRO A 18 30.03 -44.23 -31.52
N GLY A 19 31.27 -44.46 -31.92
CA GLY A 19 31.81 -43.91 -33.18
C GLY A 19 32.69 -42.71 -32.88
N GLU A 20 32.15 -41.79 -32.08
CA GLU A 20 32.88 -40.61 -31.63
C GLU A 20 33.69 -40.95 -30.38
N ASN A 21 34.98 -41.22 -30.59
CA ASN A 21 35.88 -41.62 -29.49
C ASN A 21 37.17 -40.78 -29.46
N LEU A 22 37.04 -39.52 -29.90
CA LEU A 22 38.04 -38.48 -29.63
C LEU A 22 37.35 -37.32 -28.92
N CYS A 23 38.07 -36.68 -28.01
CA CYS A 23 37.62 -35.44 -27.39
C CYS A 23 38.47 -34.31 -27.99
N TYR A 24 37.84 -33.17 -28.29
CA TYR A 24 38.49 -32.06 -28.98
C TYR A 24 38.34 -30.71 -28.24
N ARG A 25 39.16 -29.74 -28.64
CA ARG A 25 39.05 -28.35 -28.21
C ARG A 25 39.37 -27.41 -29.39
N LYS A 26 38.39 -26.60 -29.79
CA LYS A 26 38.56 -25.56 -30.83
C LYS A 26 38.55 -24.19 -30.20
N MET A 27 39.47 -23.32 -30.61
CA MET A 27 39.50 -21.94 -30.12
C MET A 27 39.69 -20.94 -31.26
N TRP A 28 39.02 -19.79 -31.15
CA TRP A 28 39.09 -18.76 -32.18
C TRP A 28 38.66 -17.39 -31.64
N CYS A 29 39.28 -16.33 -32.16
CA CYS A 29 38.89 -14.98 -31.80
C CYS A 29 37.58 -14.66 -32.48
N ASP A 30 36.65 -14.09 -31.72
CA ASP A 30 35.48 -13.43 -32.28
C ASP A 30 35.65 -11.94 -31.98
N VAL A 31 34.59 -11.17 -32.14
CA VAL A 31 34.63 -9.73 -31.91
C VAL A 31 35.07 -9.29 -30.50
N PHE A 32 34.82 -10.13 -29.49
CA PHE A 32 35.20 -9.83 -28.11
C PHE A 32 36.62 -10.27 -27.71
N CYS A 33 37.43 -10.68 -28.68
CA CYS A 33 38.69 -11.40 -28.36
C CYS A 33 39.64 -10.60 -27.46
N SER A 34 39.73 -9.29 -27.68
CA SER A 34 40.64 -8.45 -26.88
C SER A 34 40.20 -8.27 -25.42
N SER A 35 38.91 -8.43 -25.13
CA SER A 35 38.39 -8.27 -23.75
C SER A 35 38.20 -9.58 -23.02
N ARG A 36 37.66 -10.60 -23.70
CA ARG A 36 37.35 -11.90 -23.07
C ARG A 36 38.25 -13.07 -23.51
N GLY A 37 39.17 -12.83 -24.44
CA GLY A 37 40.00 -13.91 -24.99
C GLY A 37 39.26 -14.71 -26.04
N LYS A 38 39.86 -15.81 -26.47
CA LYS A 38 39.31 -16.64 -27.54
C LYS A 38 38.04 -17.39 -27.12
N VAL A 39 37.16 -17.63 -28.09
CA VAL A 39 36.01 -18.51 -27.90
C VAL A 39 36.54 -19.92 -27.66
N VAL A 40 35.87 -20.68 -26.81
CA VAL A 40 36.30 -22.03 -26.44
C VAL A 40 35.15 -22.98 -26.71
N GLU A 41 35.38 -23.96 -27.58
CA GLU A 41 34.41 -25.01 -27.89
C GLU A 41 35.02 -26.37 -27.54
N LEU A 42 34.24 -27.19 -26.82
CA LEU A 42 34.68 -28.51 -26.36
C LEU A 42 33.64 -29.57 -26.72
N GLY A 43 34.07 -30.76 -27.12
CA GLY A 43 33.13 -31.82 -27.48
C GLY A 43 33.69 -33.14 -27.94
N CYS A 44 32.84 -33.90 -28.65
CA CYS A 44 33.15 -35.21 -29.18
C CYS A 44 33.31 -35.16 -30.69
N ALA A 45 34.18 -36.01 -31.22
CA ALA A 45 34.26 -36.23 -32.66
C ALA A 45 34.84 -37.61 -32.95
N ALA A 46 34.42 -38.20 -34.08
CA ALA A 46 34.98 -39.48 -34.53
C ALA A 46 36.40 -39.28 -35.03
N THR A 47 36.54 -38.43 -36.05
CA THR A 47 37.85 -37.97 -36.54
C THR A 47 38.06 -36.52 -36.12
N CYS A 48 39.31 -36.08 -36.18
CA CYS A 48 39.69 -34.74 -35.68
C CYS A 48 39.11 -33.66 -36.62
N PRO A 49 38.43 -32.63 -36.04
CA PRO A 49 37.70 -31.70 -36.92
C PRO A 49 38.59 -30.81 -37.80
N SER A 50 37.96 -30.20 -38.80
CA SER A 50 38.67 -29.37 -39.78
C SER A 50 39.11 -28.03 -39.16
N LYS A 51 40.42 -27.82 -39.12
CA LYS A 51 40.98 -26.53 -38.74
C LYS A 51 40.77 -25.52 -39.87
N LYS A 52 40.63 -24.25 -39.50
CA LYS A 52 40.56 -23.13 -40.45
C LYS A 52 41.66 -22.16 -40.03
N PRO A 53 42.14 -21.28 -40.94
CA PRO A 53 43.33 -20.47 -40.65
C PRO A 53 43.26 -19.70 -39.32
N TYR A 54 42.08 -19.18 -39.00
CA TYR A 54 41.83 -18.40 -37.78
C TYR A 54 41.56 -19.26 -36.53
N GLU A 55 41.01 -20.47 -36.72
CA GLU A 55 40.71 -21.40 -35.62
C GLU A 55 41.97 -22.15 -35.14
N GLU A 56 41.82 -22.92 -34.06
CA GLU A 56 42.94 -23.65 -33.44
C GLU A 56 42.45 -24.94 -32.76
N VAL A 57 42.23 -25.97 -33.58
CA VAL A 57 41.76 -27.27 -33.10
C VAL A 57 42.88 -28.09 -32.44
N THR A 58 42.52 -28.87 -31.43
CA THR A 58 43.39 -29.94 -30.90
C THR A 58 42.54 -31.20 -30.61
N CYS A 59 43.20 -32.35 -30.52
CA CYS A 59 42.54 -33.64 -30.30
C CYS A 59 43.28 -34.49 -29.28
N CYS A 60 42.55 -35.43 -28.64
CA CYS A 60 43.17 -36.42 -27.75
C CYS A 60 42.23 -37.60 -27.44
N SER A 61 42.83 -38.73 -27.03
CA SER A 61 42.14 -40.03 -26.91
C SER A 61 42.05 -40.58 -25.49
N THR A 62 42.17 -39.70 -24.49
CA THR A 62 42.17 -40.10 -23.07
C THR A 62 41.10 -39.29 -22.30
N ASP A 63 40.68 -39.82 -21.15
CA ASP A 63 39.53 -39.27 -20.44
C ASP A 63 39.75 -37.86 -19.89
N LYS A 64 38.80 -36.96 -20.15
CA LYS A 64 38.83 -35.56 -19.73
C LYS A 64 40.08 -34.78 -20.18
N CYS A 65 40.60 -35.16 -21.35
CA CYS A 65 41.83 -34.57 -21.89
C CYS A 65 41.61 -33.23 -22.60
N ASN A 66 40.36 -32.74 -22.71
CA ASN A 66 40.04 -31.49 -23.40
C ASN A 66 39.39 -30.44 -22.48
N PRO A 67 40.05 -30.09 -21.38
CA PRO A 67 39.44 -29.11 -20.48
C PRO A 67 39.47 -27.69 -21.04
N HIS A 68 38.72 -26.81 -20.38
CA HIS A 68 38.85 -25.37 -20.56
C HIS A 68 40.32 -24.97 -20.26
N PRO A 69 40.94 -24.10 -21.08
CA PRO A 69 42.37 -23.78 -20.91
C PRO A 69 42.80 -23.20 -19.56
N LYS A 70 41.86 -22.72 -18.75
CA LYS A 70 42.11 -22.37 -17.35
C LYS A 70 41.55 -23.43 -16.37
N GLN A 71 41.68 -24.71 -16.75
CA GLN A 71 41.35 -25.86 -15.88
C GLN A 71 42.28 -27.04 -16.23
N ARG A 72 42.53 -27.90 -15.24
CA ARG A 72 43.49 -29.00 -15.38
C ARG A 72 42.87 -30.19 -16.15
N PRO A 73 43.66 -30.87 -17.01
CA PRO A 73 43.15 -32.10 -17.67
C PRO A 73 43.06 -33.30 -16.73
N GLY A 74 42.49 -34.40 -17.22
CA GLY A 74 42.30 -35.62 -16.43
C GLY A 74 41.22 -35.48 -15.37
N LYS B 1 -2.33 14.34 -19.08
CA LYS B 1 -1.98 15.79 -18.92
C LYS B 1 -0.46 16.00 -18.77
N SER B 2 0.01 17.05 -19.43
CA SER B 2 1.42 17.43 -19.44
C SER B 2 2.03 17.55 -18.04
N GLU B 3 1.35 18.28 -17.16
CA GLU B 3 1.82 18.54 -15.79
C GLU B 3 2.16 17.26 -15.00
N HIS B 4 1.29 16.24 -15.12
CA HIS B 4 1.51 14.99 -14.41
C HIS B 4 2.68 14.18 -14.98
N GLU B 5 2.82 14.19 -16.30
CA GLU B 5 3.91 13.46 -16.95
C GLU B 5 5.26 14.12 -16.69
N THR B 6 5.27 15.45 -16.62
CA THR B 6 6.45 16.19 -16.19
C THR B 6 6.88 15.75 -14.78
N ARG B 7 5.95 15.85 -13.82
CA ARG B 7 6.24 15.45 -12.43
C ARG B 7 6.68 13.98 -12.34
N LEU B 8 6.00 13.12 -13.09
CA LEU B 8 6.29 11.69 -13.12
C LEU B 8 7.73 11.43 -13.51
N GLU B 9 8.20 12.08 -14.56
CA GLU B 9 9.57 11.88 -15.05
C GLU B 9 10.59 12.39 -14.01
N ALA B 10 10.30 13.53 -13.39
CA ALA B 10 11.15 14.07 -12.34
C ALA B 10 11.25 13.12 -11.13
N LYS B 11 10.09 12.70 -10.61
CA LYS B 11 10.01 11.78 -9.46
C LYS B 11 10.73 10.46 -9.70
N LEU B 12 10.58 9.92 -10.91
CA LEU B 12 11.21 8.63 -11.28
C LEU B 12 12.73 8.70 -11.31
N PHE B 13 13.25 9.87 -11.68
CA PHE B 13 14.69 10.02 -11.97
C PHE B 13 15.48 10.81 -10.94
N GLU B 14 14.82 11.41 -9.93
CA GLU B 14 15.53 12.12 -8.86
C GLU B 14 16.62 11.25 -8.27
N ASP B 15 16.25 10.05 -7.82
CA ASP B 15 17.17 9.12 -7.17
C ASP B 15 17.46 7.86 -8.01
N TYR B 16 17.42 8.01 -9.34
CA TYR B 16 17.66 6.89 -10.24
C TYR B 16 19.14 6.80 -10.55
N SER B 17 19.62 5.58 -10.78
CA SER B 17 20.97 5.33 -11.31
C SER B 17 20.92 4.42 -12.56
N SER B 18 21.38 4.96 -13.69
CA SER B 18 21.46 4.18 -14.93
C SER B 18 22.64 3.19 -14.96
N VAL B 19 23.50 3.22 -13.94
CA VAL B 19 24.69 2.38 -13.89
C VAL B 19 24.44 0.99 -13.29
N VAL B 20 23.54 0.90 -12.30
CA VAL B 20 23.27 -0.38 -11.62
C VAL B 20 22.18 -1.21 -12.31
N ARG B 21 22.34 -2.53 -12.32
CA ARG B 21 21.29 -3.43 -12.83
C ARG B 21 20.04 -3.26 -11.97
N PRO B 22 18.85 -3.20 -12.60
CA PRO B 22 17.62 -3.00 -11.83
C PRO B 22 17.14 -4.27 -11.13
N VAL B 23 17.85 -4.64 -10.07
CA VAL B 23 17.58 -5.82 -9.27
C VAL B 23 17.73 -5.48 -7.79
N GLU B 24 16.96 -6.17 -6.95
CA GLU B 24 16.93 -5.88 -5.52
C GLU B 24 18.13 -6.56 -4.83
N ASP B 25 18.32 -7.85 -5.12
CA ASP B 25 19.52 -8.60 -4.69
C ASP B 25 20.42 -8.75 -5.92
N HIS B 26 21.73 -8.54 -5.73
CA HIS B 26 22.69 -8.60 -6.85
C HIS B 26 22.91 -10.01 -7.44
N ARG B 27 22.37 -11.04 -6.77
CA ARG B 27 22.34 -12.40 -7.31
C ARG B 27 21.25 -12.62 -8.38
N GLU B 28 20.19 -11.80 -8.36
CA GLU B 28 19.15 -11.83 -9.41
C GLU B 28 19.74 -11.58 -10.80
N ILE B 29 19.30 -12.38 -11.76
CA ILE B 29 19.66 -12.21 -13.17
C ILE B 29 18.54 -11.43 -13.85
N VAL B 30 18.89 -10.34 -14.55
CA VAL B 30 17.89 -9.54 -15.26
C VAL B 30 17.43 -10.30 -16.50
N GLN B 31 16.13 -10.48 -16.67
CA GLN B 31 15.58 -11.16 -17.84
C GLN B 31 15.25 -10.14 -18.91
N VAL B 32 15.90 -10.26 -20.08
CA VAL B 32 15.64 -9.40 -21.23
C VAL B 32 15.07 -10.27 -22.34
N THR B 33 13.89 -9.90 -22.85
CA THR B 33 13.28 -10.61 -23.96
C THR B 33 13.71 -9.92 -25.24
N VAL B 34 14.40 -10.67 -26.11
CA VAL B 34 15.00 -10.13 -27.32
C VAL B 34 14.27 -10.66 -28.54
N GLY B 35 14.15 -9.81 -29.55
CA GLY B 35 13.57 -10.20 -30.83
C GLY B 35 14.15 -9.33 -31.93
N LEU B 36 14.53 -9.97 -33.04
CA LEU B 36 15.01 -9.26 -34.22
C LEU B 36 13.85 -9.06 -35.22
N GLN B 37 13.60 -7.82 -35.62
CA GLN B 37 12.64 -7.51 -36.68
C GLN B 37 13.37 -7.10 -37.95
N LEU B 38 13.19 -7.89 -39.00
CA LEU B 38 13.79 -7.58 -40.30
C LEU B 38 12.81 -6.70 -41.08
N ILE B 39 13.32 -5.60 -41.64
CA ILE B 39 12.48 -4.59 -42.32
C ILE B 39 12.64 -4.63 -43.83
N GLN B 40 13.88 -4.53 -44.30
CA GLN B 40 14.17 -4.52 -45.73
C GLN B 40 15.64 -4.78 -46.02
N LEU B 41 15.93 -5.61 -47.03
CA LEU B 41 17.27 -5.68 -47.63
C LEU B 41 17.45 -4.40 -48.42
N ILE B 42 18.48 -3.62 -48.10
CA ILE B 42 18.72 -2.34 -48.76
C ILE B 42 19.95 -2.33 -49.67
N ASN B 43 20.75 -3.39 -49.64
CA ASN B 43 21.93 -3.50 -50.51
C ASN B 43 22.38 -4.97 -50.60
N VAL B 44 22.83 -5.40 -51.78
CA VAL B 44 23.36 -6.75 -51.96
C VAL B 44 24.64 -6.71 -52.82
N ASP B 45 25.78 -6.93 -52.15
CA ASP B 45 27.09 -7.04 -52.78
C ASP B 45 27.38 -8.53 -53.06
N GLU B 46 27.32 -8.93 -54.32
CA GLU B 46 27.53 -10.34 -54.70
C GLU B 46 29.00 -10.72 -54.89
N VAL B 47 29.85 -9.70 -55.07
CA VAL B 47 31.31 -9.88 -55.19
C VAL B 47 31.90 -10.33 -53.84
N ASN B 48 31.53 -9.61 -52.78
CA ASN B 48 31.98 -9.89 -51.41
C ASN B 48 30.97 -10.65 -50.56
N GLN B 49 29.80 -10.94 -51.12
CA GLN B 49 28.73 -11.67 -50.44
C GLN B 49 28.29 -10.99 -49.15
N ILE B 50 28.05 -9.69 -49.23
CA ILE B 50 27.60 -8.88 -48.10
C ILE B 50 26.21 -8.30 -48.40
N VAL B 51 25.28 -8.46 -47.45
CA VAL B 51 23.95 -7.83 -47.53
C VAL B 51 23.73 -6.83 -46.39
N THR B 52 23.37 -5.61 -46.73
CA THR B 52 23.00 -4.60 -45.75
C THR B 52 21.50 -4.72 -45.53
N THR B 53 21.10 -4.93 -44.28
CA THR B 53 19.68 -4.97 -43.92
C THR B 53 19.33 -3.86 -42.96
N ASN B 54 18.08 -3.40 -43.06
CA ASN B 54 17.50 -2.49 -42.09
C ASN B 54 16.73 -3.36 -41.09
N VAL B 55 17.04 -3.20 -39.80
CA VAL B 55 16.40 -3.98 -38.74
C VAL B 55 15.87 -3.09 -37.61
N ARG B 56 15.10 -3.71 -36.71
CA ARG B 56 14.87 -3.15 -35.39
C ARG B 56 15.18 -4.26 -34.39
N LEU B 57 15.81 -3.87 -33.30
CA LEU B 57 16.34 -4.81 -32.33
C LEU B 57 15.47 -4.74 -31.08
N LYS B 58 14.31 -5.40 -31.13
CA LYS B 58 13.29 -5.24 -30.09
C LYS B 58 13.68 -5.87 -28.75
N GLN B 59 13.64 -5.07 -27.69
CA GLN B 59 14.06 -5.49 -26.35
C GLN B 59 12.96 -5.19 -25.32
N GLN B 60 12.81 -6.10 -24.34
CA GLN B 60 11.86 -5.93 -23.26
C GLN B 60 12.42 -6.45 -21.94
N TRP B 61 12.36 -5.61 -20.91
CA TRP B 61 12.70 -6.01 -19.53
C TRP B 61 11.91 -5.17 -18.53
N VAL B 62 12.00 -5.53 -17.25
CA VAL B 62 11.32 -4.81 -16.15
C VAL B 62 12.32 -4.11 -15.24
N ASP B 63 12.15 -2.81 -15.04
CA ASP B 63 12.98 -2.03 -14.10
C ASP B 63 12.13 -1.76 -12.88
N TYR B 64 12.46 -2.39 -11.75
CA TYR B 64 11.61 -2.31 -10.54
C TYR B 64 11.55 -0.91 -9.91
N ASN B 65 12.61 -0.13 -10.11
CA ASN B 65 12.67 1.25 -9.60
C ASN B 65 11.85 2.25 -10.39
N LEU B 66 11.29 1.84 -11.52
CA LEU B 66 10.48 2.73 -12.37
C LEU B 66 8.98 2.41 -12.36
N LYS B 67 8.49 1.80 -11.28
CA LYS B 67 7.06 1.60 -11.08
C LYS B 67 6.46 2.91 -10.58
N TRP B 68 5.18 3.13 -10.88
CA TRP B 68 4.42 4.23 -10.28
C TRP B 68 2.95 3.87 -10.09
N ASN B 69 2.25 4.71 -9.33
CA ASN B 69 0.83 4.58 -9.03
C ASN B 69 0.06 5.53 -9.96
N PRO B 70 -0.73 4.99 -10.90
CA PRO B 70 -1.44 5.88 -11.84
C PRO B 70 -2.32 6.94 -11.19
N ASP B 71 -2.90 6.67 -10.02
CA ASP B 71 -3.73 7.65 -9.32
C ASP B 71 -2.96 8.89 -8.86
N ASP B 72 -1.65 8.73 -8.62
CA ASP B 72 -0.76 9.87 -8.32
C ASP B 72 -0.48 10.81 -9.49
N TYR B 73 -0.70 10.36 -10.72
CA TYR B 73 -0.34 11.13 -11.90
C TYR B 73 -1.49 11.15 -12.91
N GLY B 74 -2.67 11.52 -12.41
CA GLY B 74 -3.90 11.66 -13.20
C GLY B 74 -4.32 10.46 -14.05
N GLY B 75 -3.98 9.26 -13.60
CA GLY B 75 -4.33 8.04 -14.30
C GLY B 75 -3.47 7.69 -15.51
N VAL B 76 -2.28 8.29 -15.62
CA VAL B 76 -1.31 7.97 -16.69
C VAL B 76 -0.71 6.59 -16.46
N LYS B 77 -0.86 5.71 -17.45
CA LYS B 77 -0.38 4.33 -17.37
C LYS B 77 0.87 4.04 -18.21
N LYS B 78 1.32 5.01 -18.99
CA LYS B 78 2.54 4.87 -19.77
C LYS B 78 3.11 6.21 -20.23
N ILE B 79 4.43 6.23 -20.39
CA ILE B 79 5.15 7.38 -20.93
C ILE B 79 6.27 6.91 -21.84
N HIS B 80 6.68 7.81 -22.74
CA HIS B 80 7.88 7.62 -23.54
C HIS B 80 9.02 8.41 -22.91
N ILE B 81 10.13 7.74 -22.65
CA ILE B 81 11.32 8.41 -22.10
C ILE B 81 12.56 8.05 -22.93
N PRO B 82 13.52 8.99 -23.03
CA PRO B 82 14.69 8.72 -23.86
C PRO B 82 15.49 7.54 -23.33
N SER B 83 15.92 6.66 -24.23
CA SER B 83 16.65 5.46 -23.82
C SER B 83 18.04 5.80 -23.23
N GLU B 84 18.56 7.01 -23.51
CA GLU B 84 19.78 7.50 -22.89
C GLU B 84 19.70 7.61 -21.35
N LYS B 85 18.50 7.86 -20.81
CA LYS B 85 18.34 8.12 -19.39
C LYS B 85 18.24 6.88 -18.50
N ILE B 86 17.95 5.71 -19.05
CA ILE B 86 17.77 4.49 -18.23
C ILE B 86 18.93 3.50 -18.33
N TRP B 87 18.98 2.57 -17.37
CA TRP B 87 19.84 1.40 -17.49
C TRP B 87 19.40 0.58 -18.70
N ARG B 88 20.37 -0.01 -19.38
CA ARG B 88 20.11 -0.91 -20.50
C ARG B 88 21.06 -2.10 -20.45
N PRO B 89 20.61 -3.27 -20.91
CA PRO B 89 21.50 -4.44 -20.95
C PRO B 89 22.63 -4.37 -21.97
N ASP B 90 22.56 -3.41 -22.90
CA ASP B 90 23.59 -3.16 -23.91
C ASP B 90 23.76 -4.33 -24.88
N VAL B 91 22.62 -4.77 -25.43
CA VAL B 91 22.59 -5.80 -26.46
C VAL B 91 23.12 -5.19 -27.75
N VAL B 92 24.02 -5.90 -28.41
CA VAL B 92 24.67 -5.39 -29.63
C VAL B 92 24.63 -6.46 -30.70
N LEU B 93 24.67 -6.01 -31.95
CA LEU B 93 24.78 -6.87 -33.12
C LEU B 93 26.27 -6.98 -33.47
N TYR B 94 26.71 -8.17 -33.86
CA TYR B 94 28.12 -8.37 -34.28
C TYR B 94 28.22 -9.52 -35.31
N ASN B 95 29.46 -9.89 -35.68
CA ASN B 95 29.82 -10.49 -36.99
C ASN B 95 29.42 -9.57 -38.16
N ASN B 96 29.69 -8.28 -37.96
CA ASN B 96 29.42 -7.21 -38.93
C ASN B 96 30.64 -7.10 -39.86
N ALA B 97 30.39 -6.93 -41.17
CA ALA B 97 31.45 -6.96 -42.18
C ALA B 97 32.32 -5.69 -42.20
N ASP B 98 31.68 -4.52 -42.18
CA ASP B 98 32.37 -3.21 -42.11
C ASP B 98 31.98 -2.43 -40.84
N GLY B 99 32.81 -2.54 -39.80
CA GLY B 99 32.55 -1.94 -38.47
C GLY B 99 31.97 -2.97 -37.52
N ASP B 100 32.85 -3.65 -36.77
CA ASP B 100 32.54 -4.90 -36.04
C ASP B 100 31.23 -4.93 -35.21
N PHE B 101 30.94 -3.89 -34.43
CA PHE B 101 29.64 -3.75 -33.77
C PHE B 101 28.73 -2.80 -34.56
N ALA B 102 27.45 -3.15 -34.67
CA ALA B 102 26.49 -2.31 -35.37
C ALA B 102 26.05 -1.15 -34.48
N ILE B 103 26.00 0.06 -35.04
CA ILE B 103 25.54 1.24 -34.31
C ILE B 103 24.01 1.28 -34.40
N VAL B 104 23.35 1.28 -33.25
CA VAL B 104 21.89 1.26 -33.12
C VAL B 104 21.41 2.63 -32.65
N LYS B 105 20.44 3.21 -33.36
CA LYS B 105 19.87 4.52 -32.98
C LYS B 105 19.11 4.42 -31.67
N PHE B 106 19.27 5.41 -30.81
CA PHE B 106 18.63 5.44 -29.49
C PHE B 106 17.29 6.18 -29.56
N THR B 107 16.27 5.45 -30.01
CA THR B 107 14.89 5.90 -29.97
C THR B 107 14.39 5.86 -28.53
N LYS B 108 13.25 6.50 -28.28
CA LYS B 108 12.66 6.48 -26.95
C LYS B 108 12.10 5.10 -26.62
N VAL B 109 11.93 4.83 -25.33
CA VAL B 109 11.34 3.57 -24.85
C VAL B 109 9.88 3.82 -24.44
N LEU B 110 9.06 2.79 -24.52
CA LEU B 110 7.73 2.76 -23.91
C LEU B 110 7.90 2.19 -22.51
N LEU B 111 7.61 3.00 -21.49
CA LEU B 111 7.61 2.56 -20.09
C LEU B 111 6.16 2.51 -19.62
N ASP B 112 5.86 1.55 -18.75
CA ASP B 112 4.55 1.50 -18.12
C ASP B 112 4.66 1.39 -16.60
N TYR B 113 3.52 1.58 -15.94
CA TYR B 113 3.44 1.70 -14.47
C TYR B 113 3.93 0.49 -13.64
N THR B 114 4.07 -0.68 -14.28
CA THR B 114 4.71 -1.85 -13.62
C THR B 114 6.24 -1.86 -13.78
N GLY B 115 6.80 -0.78 -14.33
CA GLY B 115 8.21 -0.73 -14.68
C GLY B 115 8.61 -1.52 -15.92
N HIS B 116 7.63 -1.98 -16.72
CA HIS B 116 7.93 -2.69 -17.95
C HIS B 116 8.51 -1.73 -18.98
N ILE B 117 9.55 -2.16 -19.67
CA ILE B 117 10.17 -1.41 -20.75
C ILE B 117 10.00 -2.18 -22.06
N THR B 118 9.67 -1.45 -23.12
CA THR B 118 9.72 -1.95 -24.49
C THR B 118 10.53 -0.95 -25.29
N TRP B 119 11.51 -1.46 -26.02
CA TRP B 119 12.43 -0.62 -26.79
C TRP B 119 12.70 -1.34 -28.10
N THR B 120 12.58 -0.59 -29.20
CA THR B 120 12.60 -1.17 -30.54
C THR B 120 13.49 -0.30 -31.44
N PRO B 121 14.77 -0.14 -31.04
CA PRO B 121 15.65 0.78 -31.75
C PRO B 121 16.06 0.25 -33.13
N PRO B 122 16.04 1.11 -34.16
CA PRO B 122 16.43 0.68 -35.51
C PRO B 122 17.93 0.65 -35.69
N ALA B 123 18.38 -0.12 -36.68
CA ALA B 123 19.80 -0.24 -36.98
C ALA B 123 20.00 -0.71 -38.40
N ILE B 124 21.21 -0.46 -38.92
CA ILE B 124 21.62 -0.99 -40.21
C ILE B 124 22.71 -2.02 -39.93
N PHE B 125 22.46 -3.27 -40.29
CA PHE B 125 23.44 -4.33 -40.14
C PHE B 125 23.96 -4.77 -41.51
N LYS B 126 25.23 -5.18 -41.55
CA LYS B 126 25.86 -5.71 -42.75
C LYS B 126 26.30 -7.14 -42.49
N SER B 127 25.52 -8.11 -42.95
CA SER B 127 25.87 -9.53 -42.83
C SER B 127 26.93 -9.94 -43.83
N TYR B 128 27.70 -10.98 -43.48
CA TYR B 128 28.45 -11.75 -44.46
C TYR B 128 27.66 -13.03 -44.69
N CYS B 129 27.55 -13.44 -45.96
CA CYS B 129 26.70 -14.56 -46.34
C CYS B 129 27.51 -15.71 -46.94
N GLU B 130 27.18 -16.93 -46.56
CA GLU B 130 27.81 -18.13 -47.12
C GLU B 130 26.96 -18.62 -48.26
N ILE B 131 27.58 -18.97 -49.37
CA ILE B 131 26.88 -19.57 -50.50
C ILE B 131 26.55 -21.03 -50.14
N ILE B 132 25.27 -21.39 -50.26
CA ILE B 132 24.82 -22.77 -50.03
C ILE B 132 25.04 -23.54 -51.32
N VAL B 133 25.80 -24.62 -51.22
CA VAL B 133 26.25 -25.41 -52.37
C VAL B 133 25.52 -26.77 -52.52
N THR B 134 24.40 -26.94 -51.81
CA THR B 134 23.65 -28.21 -51.82
C THR B 134 23.01 -28.45 -53.19
N HIS B 135 22.21 -27.48 -53.63
CA HIS B 135 21.60 -27.49 -54.97
C HIS B 135 21.34 -26.04 -55.37
N PHE B 136 22.10 -25.54 -56.35
CA PHE B 136 21.94 -24.15 -56.80
C PHE B 136 21.97 -23.92 -58.33
N PRO B 137 21.00 -24.53 -59.05
CA PRO B 137 20.56 -23.94 -60.32
C PRO B 137 19.89 -22.58 -60.06
N PHE B 138 19.00 -22.55 -59.07
CA PHE B 138 18.51 -21.31 -58.45
C PHE B 138 19.41 -21.01 -57.24
N ASP B 139 20.09 -19.87 -57.28
CA ASP B 139 21.13 -19.52 -56.30
C ASP B 139 20.57 -19.31 -54.90
N GLU B 140 21.37 -19.64 -53.89
CA GLU B 140 20.96 -19.55 -52.49
C GLU B 140 22.13 -19.14 -51.61
N GLN B 141 21.87 -18.29 -50.62
CA GLN B 141 22.88 -17.89 -49.68
C GLN B 141 22.30 -17.70 -48.28
N ASN B 142 23.15 -17.96 -47.28
CA ASN B 142 22.78 -17.97 -45.87
C ASN B 142 23.50 -16.81 -45.19
N CYS B 143 22.72 -15.86 -44.64
CA CYS B 143 23.22 -14.66 -43.97
C CYS B 143 22.79 -14.69 -42.51
N SER B 144 23.72 -14.42 -41.59
CA SER B 144 23.42 -14.49 -40.15
C SER B 144 23.89 -13.28 -39.36
N MET B 145 23.18 -13.00 -38.26
CA MET B 145 23.47 -11.89 -37.35
C MET B 145 23.46 -12.40 -35.92
N LYS B 146 24.52 -12.12 -35.18
CA LYS B 146 24.60 -12.47 -33.76
C LYS B 146 24.20 -11.30 -32.88
N LEU B 147 23.47 -11.60 -31.81
CA LEU B 147 23.07 -10.63 -30.79
C LEU B 147 23.57 -11.08 -29.44
N GLY B 148 24.06 -10.14 -28.64
CA GLY B 148 24.45 -10.44 -27.27
C GLY B 148 24.80 -9.19 -26.49
N THR B 149 24.75 -9.27 -25.17
CA THR B 149 25.17 -8.17 -24.30
C THR B 149 26.67 -7.94 -24.42
N ARG B 150 27.06 -6.68 -24.61
CA ARG B 150 28.46 -6.28 -24.83
C ARG B 150 29.39 -6.62 -23.65
N THR B 151 28.92 -6.43 -22.43
CA THR B 151 29.75 -6.55 -21.24
C THR B 151 29.23 -7.53 -20.19
N TYR B 152 27.93 -7.42 -19.87
CA TYR B 152 27.29 -8.36 -18.94
C TYR B 152 27.41 -9.80 -19.46
N ASP B 153 27.49 -10.73 -18.52
CA ASP B 153 27.57 -12.16 -18.81
C ASP B 153 26.24 -12.79 -18.42
N GLY B 154 26.11 -14.10 -18.68
CA GLY B 154 24.87 -14.84 -18.46
C GLY B 154 24.37 -14.96 -17.03
N SER B 155 25.23 -14.69 -16.04
CA SER B 155 24.81 -14.66 -14.64
C SER B 155 24.39 -13.26 -14.14
N ALA B 156 24.39 -12.27 -15.03
CA ALA B 156 23.87 -10.92 -14.74
C ALA B 156 22.66 -10.56 -15.59
N VAL B 157 22.76 -10.81 -16.90
CA VAL B 157 21.68 -10.55 -17.85
C VAL B 157 21.51 -11.76 -18.76
N ALA B 158 20.34 -12.39 -18.68
CA ALA B 158 19.95 -13.47 -19.58
C ALA B 158 19.07 -12.93 -20.71
N ILE B 159 19.49 -13.14 -21.97
CA ILE B 159 18.65 -12.77 -23.11
C ILE B 159 17.82 -13.97 -23.55
N ASN B 160 16.53 -13.75 -23.77
CA ASN B 160 15.58 -14.80 -24.12
C ASN B 160 14.88 -14.43 -25.42
N PRO B 161 14.95 -15.30 -26.45
CA PRO B 161 14.29 -14.95 -27.71
C PRO B 161 12.78 -14.96 -27.58
N GLU B 162 12.10 -13.90 -28.02
CA GLU B 162 10.63 -13.85 -28.02
C GLU B 162 9.95 -14.89 -28.94
N SER B 163 10.63 -15.28 -30.01
CA SER B 163 10.11 -16.26 -30.95
C SER B 163 11.24 -17.15 -31.49
N ASP B 164 10.89 -18.25 -32.14
CA ASP B 164 11.86 -19.10 -32.83
C ASP B 164 12.41 -18.46 -34.10
N GLN B 165 11.64 -17.54 -34.69
CA GLN B 165 12.00 -16.90 -35.94
C GLN B 165 12.11 -15.39 -35.77
N PRO B 166 12.89 -14.73 -36.64
CA PRO B 166 12.85 -13.28 -36.67
C PRO B 166 11.50 -12.78 -37.17
N ASP B 167 11.05 -11.66 -36.61
CA ASP B 167 9.78 -11.05 -36.97
C ASP B 167 9.86 -10.49 -38.41
N LEU B 168 9.09 -11.10 -39.32
CA LEU B 168 8.97 -10.63 -40.71
C LEU B 168 7.63 -9.94 -40.99
N SER B 169 6.96 -9.43 -39.97
CA SER B 169 5.61 -8.87 -40.14
C SER B 169 5.61 -7.48 -40.78
N ASN B 170 6.68 -6.70 -40.57
CA ASN B 170 6.87 -5.43 -41.30
C ASN B 170 7.99 -5.52 -42.33
N PHE B 171 8.28 -6.73 -42.82
CA PHE B 171 9.30 -6.95 -43.81
C PHE B 171 8.77 -6.63 -45.19
N MET B 172 9.45 -5.72 -45.88
CA MET B 172 9.12 -5.40 -47.26
C MET B 172 9.96 -6.33 -48.14
N GLU B 173 9.26 -7.22 -48.83
CA GLU B 173 9.88 -8.17 -49.77
C GLU B 173 10.65 -7.50 -50.91
N SER B 174 11.53 -8.28 -51.52
CA SER B 174 12.35 -7.84 -52.64
C SER B 174 11.72 -8.21 -53.99
N GLY B 175 12.28 -7.61 -55.04
CA GLY B 175 11.94 -7.93 -56.43
C GLY B 175 12.77 -9.06 -57.04
N GLU B 176 13.96 -9.31 -56.48
CA GLU B 176 14.84 -10.38 -56.95
C GLU B 176 14.91 -11.57 -56.00
N TRP B 177 14.96 -11.35 -54.69
CA TRP B 177 15.16 -12.43 -53.73
C TRP B 177 13.95 -12.75 -52.86
N VAL B 178 13.95 -13.95 -52.29
CA VAL B 178 12.93 -14.38 -51.34
C VAL B 178 13.59 -15.06 -50.14
N ILE B 179 13.07 -14.82 -48.94
CA ILE B 179 13.57 -15.50 -47.73
C ILE B 179 12.94 -16.89 -47.73
N LYS B 180 13.71 -17.89 -48.16
CA LYS B 180 13.34 -19.32 -48.05
C LYS B 180 13.01 -19.77 -46.64
N GLU B 181 13.84 -19.32 -45.69
CA GLU B 181 13.90 -19.88 -44.36
C GLU B 181 14.58 -18.88 -43.45
N ALA B 182 14.23 -18.90 -42.16
CA ALA B 182 14.79 -17.94 -41.19
C ALA B 182 14.48 -18.37 -39.76
N ARG B 183 15.52 -18.59 -38.96
CA ARG B 183 15.38 -18.98 -37.56
C ARG B 183 16.34 -18.22 -36.63
N GLY B 184 15.99 -18.25 -35.34
CA GLY B 184 16.83 -17.79 -34.25
C GLY B 184 17.19 -18.94 -33.33
N TRP B 185 18.47 -19.03 -32.98
CA TRP B 185 18.95 -20.02 -32.02
C TRP B 185 19.73 -19.31 -30.91
N LYS B 186 19.45 -19.68 -29.66
CA LYS B 186 20.18 -19.16 -28.50
C LYS B 186 21.34 -20.09 -28.19
N HIS B 187 22.49 -19.52 -27.84
CA HIS B 187 23.68 -20.31 -27.50
C HIS B 187 24.30 -19.88 -26.18
N TRP B 188 24.99 -20.84 -25.58
CA TRP B 188 25.85 -20.62 -24.42
C TRP B 188 27.24 -20.64 -25.01
N VAL B 189 27.97 -19.54 -24.86
CA VAL B 189 29.29 -19.39 -25.47
C VAL B 189 30.31 -19.18 -24.36
N PHE B 190 31.41 -19.94 -24.41
CA PHE B 190 32.49 -19.83 -23.41
C PHE B 190 33.75 -19.21 -23.99
N TYR B 191 34.43 -18.41 -23.17
CA TYR B 191 35.66 -17.72 -23.57
C TYR B 191 36.81 -18.07 -22.63
N SER B 192 38.03 -17.95 -23.16
CA SER B 192 39.27 -18.29 -22.44
C SER B 192 39.40 -17.63 -21.08
N CYS B 193 38.97 -16.38 -20.97
CA CYS B 193 39.00 -15.64 -19.68
C CYS B 193 38.35 -16.39 -18.53
N CYS B 194 37.22 -17.03 -18.84
CA CYS B 194 36.16 -17.28 -17.87
C CYS B 194 35.65 -18.72 -17.97
N PRO B 195 36.28 -19.66 -17.23
CA PRO B 195 35.84 -21.07 -17.26
C PRO B 195 34.47 -21.31 -16.64
N THR B 196 34.16 -20.59 -15.57
CA THR B 196 32.94 -20.83 -14.79
C THR B 196 31.74 -20.03 -15.26
N THR B 197 31.97 -18.90 -15.93
CA THR B 197 30.90 -17.93 -16.24
C THR B 197 30.58 -17.87 -17.74
N PRO B 198 29.40 -18.39 -18.15
CA PRO B 198 29.03 -18.38 -19.58
C PRO B 198 28.51 -17.03 -20.08
N TYR B 199 28.58 -16.86 -21.40
CA TYR B 199 27.95 -15.72 -22.08
C TYR B 199 26.86 -16.27 -23.00
N LEU B 200 26.00 -15.38 -23.48
CA LEU B 200 24.82 -15.78 -24.25
C LEU B 200 24.72 -14.99 -25.55
N ASP B 201 24.56 -15.70 -26.66
CA ASP B 201 24.15 -15.09 -27.92
C ASP B 201 22.81 -15.64 -28.42
N ILE B 202 22.15 -14.85 -29.27
CA ILE B 202 21.05 -15.29 -30.11
C ILE B 202 21.48 -15.00 -31.56
N THR B 203 21.70 -16.05 -32.35
CA THR B 203 22.04 -15.91 -33.77
C THR B 203 20.79 -16.09 -34.65
N TYR B 204 20.39 -15.01 -35.31
CA TYR B 204 19.33 -15.06 -36.31
C TYR B 204 19.97 -15.25 -37.67
N HIS B 205 19.47 -16.21 -38.45
CA HIS B 205 19.87 -16.38 -39.85
C HIS B 205 18.65 -16.38 -40.76
N PHE B 206 18.84 -15.95 -42.01
CA PHE B 206 17.84 -16.13 -43.06
C PHE B 206 18.52 -16.58 -44.34
N VAL B 207 17.90 -17.54 -45.03
CA VAL B 207 18.39 -18.04 -46.31
C VAL B 207 17.63 -17.32 -47.41
N MET B 208 18.33 -16.53 -48.21
CA MET B 208 17.72 -15.81 -49.33
C MET B 208 18.03 -16.53 -50.66
N GLN B 209 16.99 -16.77 -51.44
CA GLN B 209 17.07 -17.48 -52.72
C GLN B 209 16.64 -16.53 -53.84
N ARG B 210 17.28 -16.63 -54.99
CA ARG B 210 16.96 -15.79 -56.15
C ARG B 210 15.69 -16.30 -56.84
N LEU B 211 14.84 -15.36 -57.27
CA LEU B 211 13.64 -15.68 -58.07
C LEU B 211 14.00 -15.93 -59.54
N PRO B 212 13.16 -16.69 -60.28
CA PRO B 212 13.38 -16.86 -61.72
C PRO B 212 13.05 -15.60 -62.53
N ASP C 1 -8.42 -0.57 -9.44
CA ASP C 1 -8.00 -0.57 -8.00
C ASP C 1 -8.20 -1.95 -7.35
N ILE C 2 -7.44 -2.20 -6.29
CA ILE C 2 -7.36 -3.50 -5.62
C ILE C 2 -8.23 -3.51 -4.36
N VAL C 3 -9.25 -4.38 -4.35
CA VAL C 3 -10.11 -4.56 -3.17
C VAL C 3 -9.38 -5.45 -2.16
N ILE C 4 -9.55 -5.12 -0.89
CA ILE C 4 -8.86 -5.76 0.23
C ILE C 4 -9.86 -6.21 1.28
N THR C 5 -9.68 -7.44 1.79
CA THR C 5 -10.56 -7.99 2.84
C THR C 5 -9.74 -8.45 4.05
N GLN C 6 -10.03 -7.88 5.22
CA GLN C 6 -9.38 -8.25 6.48
C GLN C 6 -10.15 -9.31 7.26
N SER C 7 -9.46 -10.38 7.66
CA SER C 7 -10.00 -11.33 8.64
C SER C 7 -9.05 -11.44 9.86
N PRO C 8 -9.55 -11.80 11.04
CA PRO C 8 -10.98 -11.89 11.35
C PRO C 8 -11.61 -10.50 11.50
N SER C 9 -12.91 -10.41 11.24
CA SER C 9 -13.67 -9.16 11.33
C SER C 9 -13.63 -8.60 12.74
N LEU C 10 -14.00 -9.44 13.70
CA LEU C 10 -13.92 -9.10 15.12
C LEU C 10 -13.03 -10.15 15.79
N LEU C 11 -12.12 -9.71 16.66
CA LEU C 11 -11.18 -10.61 17.33
C LEU C 11 -11.19 -10.40 18.84
N SER C 12 -11.34 -11.52 19.57
CA SER C 12 -11.29 -11.56 21.02
C SER C 12 -10.04 -12.34 21.47
N ALA C 13 -9.23 -11.75 22.34
CA ALA C 13 -8.02 -12.40 22.86
C ALA C 13 -7.50 -11.72 24.12
N SER C 14 -6.86 -12.51 24.99
CA SER C 14 -6.36 -12.02 26.29
C SER C 14 -4.95 -11.43 26.17
N VAL C 15 -4.51 -10.79 27.25
CA VAL C 15 -3.16 -10.20 27.35
C VAL C 15 -2.09 -11.30 27.27
N GLY C 16 -1.01 -11.02 26.55
CA GLY C 16 0.05 -12.00 26.28
C GLY C 16 -0.17 -12.94 25.09
N ASP C 17 -1.35 -12.90 24.46
CA ASP C 17 -1.65 -13.77 23.31
C ASP C 17 -0.92 -13.32 22.05
N ARG C 18 -0.63 -14.32 21.20
CA ARG C 18 0.03 -14.12 19.91
C ARG C 18 -1.06 -14.10 18.83
N VAL C 19 -1.62 -12.91 18.60
CA VAL C 19 -2.66 -12.72 17.56
C VAL C 19 -2.06 -12.43 16.19
N THR C 20 -2.75 -12.88 15.15
CA THR C 20 -2.35 -12.65 13.76
C THR C 20 -3.54 -12.19 12.91
N LEU C 21 -3.45 -10.96 12.39
CA LEU C 21 -4.45 -10.41 11.46
C LEU C 21 -4.02 -10.75 10.05
N THR C 22 -4.99 -10.97 9.15
CA THR C 22 -4.71 -11.24 7.74
C THR C 22 -5.34 -10.16 6.84
N CYS C 23 -4.83 -10.07 5.62
CA CYS C 23 -5.27 -9.06 4.67
C CYS C 23 -4.97 -9.57 3.27
N LYS C 24 -5.98 -10.15 2.63
CA LYS C 24 -5.88 -10.73 1.28
C LYS C 24 -6.39 -9.73 0.24
N GLY C 25 -5.67 -9.67 -0.89
CA GLY C 25 -6.01 -8.75 -1.98
C GLY C 25 -6.67 -9.45 -3.15
N SER C 26 -7.51 -8.71 -3.87
CA SER C 26 -8.15 -9.22 -5.09
C SER C 26 -7.16 -9.46 -6.24
N GLN C 27 -6.10 -8.65 -6.29
CA GLN C 27 -4.98 -8.81 -7.24
C GLN C 27 -3.62 -8.80 -6.52
N ASN C 28 -2.55 -9.05 -7.28
CA ASN C 28 -1.18 -8.98 -6.74
C ASN C 28 -0.86 -7.56 -6.25
N ILE C 29 -0.36 -7.46 -5.01
CA ILE C 29 -0.02 -6.19 -4.36
C ILE C 29 1.49 -5.91 -4.39
N ASP C 30 2.30 -6.96 -4.56
CA ASP C 30 3.74 -6.81 -4.81
C ASP C 30 4.46 -6.12 -3.63
N ASN C 31 4.05 -6.47 -2.41
CA ASN C 31 4.65 -5.99 -1.16
C ASN C 31 4.41 -4.53 -0.77
N TYR C 32 3.68 -3.77 -1.59
CA TYR C 32 3.38 -2.37 -1.28
C TYR C 32 2.11 -2.33 -0.44
N LEU C 33 2.28 -2.62 0.86
CA LEU C 33 1.15 -2.72 1.78
C LEU C 33 1.55 -2.24 3.18
N ALA C 34 0.69 -1.40 3.75
CA ALA C 34 0.93 -0.79 5.07
C ALA C 34 -0.14 -1.22 6.06
N TRP C 35 0.16 -1.04 7.36
CA TRP C 35 -0.79 -1.29 8.45
C TRP C 35 -0.81 -0.08 9.38
N TYR C 36 -2.01 0.35 9.79
CA TYR C 36 -2.14 1.40 10.81
C TYR C 36 -3.15 1.06 11.91
N GLN C 37 -2.93 1.66 13.06
CA GLN C 37 -3.70 1.44 14.27
C GLN C 37 -4.60 2.65 14.48
N GLN C 38 -5.88 2.42 14.71
CA GLN C 38 -6.82 3.52 14.99
C GLN C 38 -7.56 3.28 16.30
N LYS C 39 -7.10 3.94 17.35
CA LYS C 39 -7.84 4.01 18.60
C LYS C 39 -8.95 5.05 18.45
N LEU C 40 -10.00 4.93 19.27
CA LEU C 40 -11.19 5.76 19.14
C LEU C 40 -10.92 7.21 19.56
N GLY C 41 -11.33 8.15 18.70
CA GLY C 41 -11.10 9.58 18.91
C GLY C 41 -9.65 10.02 18.94
N GLU C 42 -8.77 9.26 18.27
CA GLU C 42 -7.34 9.58 18.21
C GLU C 42 -6.85 9.53 16.77
N ALA C 43 -5.74 10.21 16.50
CA ALA C 43 -5.13 10.20 15.16
C ALA C 43 -4.58 8.80 14.84
N PRO C 44 -4.94 8.22 13.67
CA PRO C 44 -4.37 6.93 13.27
C PRO C 44 -2.83 6.92 13.25
N LYS C 45 -2.25 5.79 13.65
CA LYS C 45 -0.78 5.65 13.76
C LYS C 45 -0.29 4.53 12.84
N LEU C 46 0.69 4.86 11.99
CA LEU C 46 1.27 3.88 11.08
C LEU C 46 2.15 2.90 11.85
N LEU C 47 1.89 1.61 11.64
CA LEU C 47 2.67 0.54 12.28
C LEU C 47 3.73 0.07 11.30
N ILE C 48 3.28 -0.46 10.16
CA ILE C 48 4.15 -1.09 9.18
C ILE C 48 3.91 -0.53 7.77
N TYR C 49 4.97 -0.47 6.98
CA TYR C 49 4.90 -0.12 5.56
C TYR C 49 5.82 -1.05 4.77
N LYS C 50 5.65 -1.06 3.45
CA LYS C 50 6.27 -2.05 2.57
C LYS C 50 6.29 -3.47 3.15
N THR C 51 5.10 -3.98 3.49
CA THR C 51 4.92 -5.34 4.04
C THR C 51 5.48 -5.58 5.45
N ASN C 52 6.76 -5.28 5.69
CA ASN C 52 7.42 -5.61 6.95
C ASN C 52 8.39 -4.56 7.56
N SER C 53 8.46 -3.35 7.01
CA SER C 53 9.32 -2.32 7.62
C SER C 53 8.59 -1.74 8.81
N LEU C 54 9.19 -1.86 9.99
CA LEU C 54 8.62 -1.30 11.21
C LEU C 54 8.83 0.21 11.22
N GLN C 55 7.77 0.96 11.49
CA GLN C 55 7.84 2.42 11.57
C GLN C 55 8.65 2.80 12.81
N THR C 56 9.40 3.90 12.72
CA THR C 56 10.23 4.37 13.82
C THR C 56 9.35 4.81 14.99
N GLY C 57 9.62 4.26 16.18
CA GLY C 57 8.80 4.51 17.37
C GLY C 57 7.92 3.35 17.78
N ILE C 58 7.48 2.55 16.82
CA ILE C 58 6.51 1.49 17.06
C ILE C 58 7.17 0.32 17.81
N PRO C 59 6.47 -0.24 18.82
CA PRO C 59 6.93 -1.42 19.56
C PRO C 59 7.39 -2.59 18.68
N SER C 60 8.41 -3.30 19.16
CA SER C 60 8.93 -4.48 18.46
C SER C 60 7.97 -5.68 18.45
N ARG C 61 6.92 -5.66 19.27
CA ARG C 61 5.87 -6.71 19.23
C ARG C 61 5.06 -6.75 17.94
N PHE C 62 5.01 -5.63 17.22
CA PHE C 62 4.36 -5.58 15.90
C PHE C 62 5.32 -6.05 14.82
N SER C 63 4.84 -6.91 13.92
CA SER C 63 5.62 -7.36 12.77
C SER C 63 4.72 -7.70 11.60
N GLY C 64 5.24 -7.52 10.39
CA GLY C 64 4.51 -7.76 9.16
C GLY C 64 5.13 -8.86 8.35
N SER C 65 4.36 -9.40 7.42
CA SER C 65 4.82 -10.46 6.54
C SER C 65 3.82 -10.69 5.42
N GLY C 66 4.28 -11.31 4.35
CA GLY C 66 3.46 -11.60 3.20
C GLY C 66 4.17 -11.39 1.87
N SER C 67 3.50 -11.84 0.82
CA SER C 67 3.92 -11.57 -0.55
C SER C 67 2.74 -11.80 -1.47
N GLY C 68 2.86 -11.26 -2.68
CA GLY C 68 1.84 -11.43 -3.71
C GLY C 68 0.50 -10.85 -3.29
N THR C 69 -0.37 -11.74 -2.82
CA THR C 69 -1.76 -11.41 -2.55
C THR C 69 -2.16 -11.44 -1.05
N ASP C 70 -1.51 -12.30 -0.26
CA ASP C 70 -1.83 -12.48 1.17
C ASP C 70 -0.79 -11.87 2.10
N TYR C 71 -1.26 -11.13 3.10
CA TYR C 71 -0.40 -10.38 4.03
C TYR C 71 -0.87 -10.56 5.47
N THR C 72 0.02 -10.32 6.42
CA THR C 72 -0.29 -10.53 7.84
C THR C 72 0.43 -9.55 8.74
N LEU C 73 -0.29 -9.09 9.76
CA LEU C 73 0.26 -8.34 10.89
C LEU C 73 0.18 -9.27 12.10
N THR C 74 1.25 -9.30 12.89
CA THR C 74 1.31 -10.11 14.09
C THR C 74 1.63 -9.22 15.27
N ILE C 75 0.92 -9.45 16.37
CA ILE C 75 1.22 -8.86 17.66
C ILE C 75 1.59 -10.06 18.53
N SER C 76 2.87 -10.16 18.89
CA SER C 76 3.42 -11.40 19.48
C SER C 76 2.95 -11.61 20.92
N SER C 77 2.99 -10.55 21.72
CA SER C 77 2.48 -10.59 23.09
C SER C 77 1.56 -9.38 23.26
N LEU C 78 0.25 -9.65 23.31
CA LEU C 78 -0.76 -8.60 23.31
C LEU C 78 -0.79 -7.79 24.60
N HIS C 79 -0.55 -6.48 24.50
CA HIS C 79 -0.74 -5.54 25.61
C HIS C 79 -2.18 -5.04 25.61
N SER C 80 -2.59 -4.43 26.72
CA SER C 80 -3.93 -3.85 26.87
C SER C 80 -4.11 -2.57 26.01
N GLU C 81 -3.05 -1.77 25.89
CA GLU C 81 -3.08 -0.55 25.06
C GLU C 81 -2.98 -0.79 23.55
N ASP C 82 -3.07 -2.05 23.12
CA ASP C 82 -3.23 -2.40 21.71
C ASP C 82 -4.70 -2.66 21.33
N LEU C 83 -5.63 -2.31 22.22
CA LEU C 83 -7.05 -2.44 21.93
C LEU C 83 -7.45 -1.30 21.00
N ALA C 84 -7.68 -1.65 19.74
CA ALA C 84 -8.01 -0.68 18.70
C ALA C 84 -8.55 -1.40 17.47
N THR C 85 -8.85 -0.63 16.41
CA THR C 85 -9.13 -1.18 15.09
C THR C 85 -7.84 -1.09 14.26
N TYR C 86 -7.55 -2.16 13.51
CA TYR C 86 -6.33 -2.28 12.72
C TYR C 86 -6.66 -2.38 11.23
N TYR C 87 -6.25 -1.35 10.48
CA TYR C 87 -6.54 -1.26 9.05
C TYR C 87 -5.28 -1.51 8.22
N CYS C 88 -5.36 -2.43 7.25
CA CYS C 88 -4.32 -2.57 6.22
C CYS C 88 -4.67 -1.67 5.03
N TYR C 89 -3.65 -1.27 4.26
CA TYR C 89 -3.88 -0.51 3.03
C TYR C 89 -2.75 -0.67 2.00
N GLN C 90 -3.13 -0.47 0.74
CA GLN C 90 -2.34 -0.78 -0.44
C GLN C 90 -2.09 0.52 -1.20
N TYR C 91 -0.91 0.66 -1.80
CA TYR C 91 -0.51 1.95 -2.41
C TYR C 91 0.34 1.87 -3.69
N ILE C 92 0.14 0.81 -4.52
CA ILE C 92 0.71 0.77 -5.88
C ILE C 92 -0.32 1.02 -6.96
N ASN C 93 -1.54 0.52 -6.76
CA ASN C 93 -2.62 0.67 -7.73
C ASN C 93 -3.81 1.36 -7.04
N GLY C 94 -3.83 2.69 -7.13
CA GLY C 94 -4.76 3.50 -6.38
C GLY C 94 -4.42 3.47 -4.89
N TYR C 95 -5.40 3.83 -4.08
CA TYR C 95 -5.28 3.79 -2.63
C TYR C 95 -6.54 3.16 -2.08
N THR C 96 -6.48 1.87 -1.77
CA THR C 96 -7.61 1.17 -1.15
C THR C 96 -7.26 0.70 0.25
N PHE C 97 -8.29 0.63 1.09
CA PHE C 97 -8.14 0.31 2.50
C PHE C 97 -8.90 -0.96 2.84
N GLY C 98 -8.48 -1.61 3.93
CA GLY C 98 -9.12 -2.82 4.43
C GLY C 98 -10.35 -2.49 5.24
N THR C 99 -11.24 -3.47 5.33
CA THR C 99 -12.54 -3.31 6.00
C THR C 99 -12.40 -2.97 7.48
N GLY C 100 -11.49 -3.66 8.15
CA GLY C 100 -11.12 -3.39 9.55
C GLY C 100 -11.26 -4.63 10.43
N THR C 101 -10.23 -4.91 11.23
CA THR C 101 -10.25 -5.95 12.26
C THR C 101 -10.29 -5.23 13.60
N LYS C 102 -11.38 -5.42 14.36
CA LYS C 102 -11.51 -4.81 15.69
C LYS C 102 -10.98 -5.78 16.75
N LEU C 103 -10.14 -5.25 17.64
CA LEU C 103 -9.48 -6.05 18.68
C LEU C 103 -10.15 -5.81 20.03
N GLU C 104 -10.71 -6.87 20.61
CA GLU C 104 -11.34 -6.81 21.94
C GLU C 104 -10.63 -7.75 22.92
N LEU C 105 -10.47 -7.27 24.15
CA LEU C 105 -9.71 -7.98 25.18
C LEU C 105 -10.60 -8.91 26.02
N LYS C 106 -10.10 -10.12 26.25
CA LYS C 106 -10.68 -11.03 27.25
C LYS C 106 -10.22 -10.58 28.63
N ARG C 107 -11.03 -10.90 29.63
CA ARG C 107 -10.79 -10.42 30.99
C ARG C 107 -11.54 -11.24 32.02
N ALA C 108 -11.19 -11.02 33.29
CA ALA C 108 -11.94 -11.55 34.42
C ALA C 108 -13.26 -10.79 34.54
N ASP C 109 -14.27 -11.47 35.10
CA ASP C 109 -15.58 -10.84 35.34
C ASP C 109 -15.46 -9.70 36.35
N ALA C 110 -16.23 -8.64 36.11
CA ALA C 110 -16.30 -7.50 37.03
C ALA C 110 -17.77 -7.06 37.18
N ALA C 111 -18.13 -6.61 38.38
CA ALA C 111 -19.49 -6.23 38.71
C ALA C 111 -19.70 -4.72 38.57
N PRO C 112 -20.85 -4.30 38.00
CA PRO C 112 -21.08 -2.88 37.75
C PRO C 112 -21.36 -2.10 39.02
N THR C 113 -20.73 -0.93 39.16
CA THR C 113 -21.08 0.03 40.21
C THR C 113 -22.28 0.83 39.71
N VAL C 114 -23.46 0.49 40.24
CA VAL C 114 -24.71 1.12 39.85
C VAL C 114 -25.00 2.31 40.78
N SER C 115 -25.25 3.47 40.17
CA SER C 115 -25.76 4.64 40.88
C SER C 115 -26.89 5.24 40.06
N ILE C 116 -27.76 5.98 40.75
CA ILE C 116 -28.97 6.58 40.16
C ILE C 116 -29.06 8.04 40.59
N PHE C 117 -29.54 8.88 39.68
CA PHE C 117 -29.62 10.33 39.90
C PHE C 117 -31.01 10.81 39.47
N PRO C 118 -31.76 11.48 40.37
CA PRO C 118 -33.08 11.98 40.00
C PRO C 118 -33.00 13.25 39.16
N PRO C 119 -34.08 13.60 38.44
CA PRO C 119 -34.04 14.76 37.56
C PRO C 119 -33.85 16.07 38.33
N SER C 120 -33.01 16.94 37.80
CA SER C 120 -32.58 18.15 38.49
C SER C 120 -33.65 19.26 38.46
N THR C 121 -33.40 20.32 39.22
CA THR C 121 -34.29 21.48 39.30
C THR C 121 -34.40 22.24 37.96
N GLU C 122 -33.26 22.40 37.27
CA GLU C 122 -33.21 23.08 35.97
C GLU C 122 -34.13 22.43 34.93
N GLN C 123 -34.04 21.11 34.80
CA GLN C 123 -34.84 20.37 33.80
C GLN C 123 -36.34 20.42 34.11
N LEU C 124 -36.69 20.34 35.39
CA LEU C 124 -38.09 20.44 35.84
C LEU C 124 -38.74 21.77 35.44
N ALA C 125 -37.96 22.85 35.39
CA ALA C 125 -38.43 24.16 34.95
C ALA C 125 -38.78 24.18 33.46
N THR C 126 -38.01 23.48 32.63
CA THR C 126 -38.22 23.45 31.17
C THR C 126 -39.42 22.62 30.67
N GLY C 127 -40.15 21.97 31.58
CA GLY C 127 -41.31 21.14 31.23
C GLY C 127 -40.87 19.77 30.72
N GLY C 128 -39.86 19.21 31.38
CA GLY C 128 -39.34 17.89 31.04
C GLY C 128 -38.66 17.23 32.22
N ALA C 129 -38.36 15.94 32.09
CA ALA C 129 -37.69 15.18 33.15
C ALA C 129 -36.95 13.96 32.59
N SER C 130 -35.71 13.79 33.04
CA SER C 130 -34.87 12.67 32.63
C SER C 130 -34.23 12.04 33.86
N VAL C 131 -34.56 10.76 34.10
CA VAL C 131 -33.97 9.99 35.20
C VAL C 131 -32.84 9.15 34.60
N VAL C 132 -31.65 9.21 35.18
CA VAL C 132 -30.48 8.52 34.62
C VAL C 132 -29.89 7.48 35.57
N CYS C 133 -29.35 6.41 34.99
CA CYS C 133 -28.76 5.29 35.73
C CYS C 133 -27.45 4.89 35.05
N LEU C 134 -26.35 4.93 35.82
CA LEU C 134 -25.01 4.68 35.30
C LEU C 134 -24.45 3.39 35.89
N MET C 135 -24.09 2.45 35.02
CA MET C 135 -23.52 1.17 35.40
C MET C 135 -22.06 1.13 34.94
N ASN C 136 -21.16 1.48 35.84
CA ASN C 136 -19.74 1.69 35.52
C ASN C 136 -18.87 0.48 35.82
N ASN C 137 -17.94 0.20 34.90
CA ASN C 137 -16.83 -0.74 35.10
C ASN C 137 -17.29 -2.19 35.33
N PHE C 138 -17.64 -2.87 34.25
CA PHE C 138 -18.03 -4.29 34.33
C PHE C 138 -17.54 -5.12 33.15
N TYR C 139 -17.63 -6.44 33.29
CA TYR C 139 -17.28 -7.40 32.23
C TYR C 139 -17.98 -8.73 32.52
N PRO C 140 -18.52 -9.43 31.52
CA PRO C 140 -18.55 -9.03 30.09
C PRO C 140 -19.59 -7.94 29.80
N ARG C 141 -19.83 -7.67 28.51
CA ARG C 141 -20.92 -6.80 28.08
C ARG C 141 -22.21 -7.64 27.93
N ASP C 142 -22.71 -8.11 29.06
CA ASP C 142 -23.90 -8.97 29.12
C ASP C 142 -24.72 -8.47 30.28
N ILE C 143 -25.42 -7.36 30.02
CA ILE C 143 -26.08 -6.58 31.06
C ILE C 143 -27.50 -6.18 30.59
N SER C 144 -28.48 -6.34 31.47
CA SER C 144 -29.85 -5.93 31.19
C SER C 144 -30.27 -4.94 32.25
N VAL C 145 -30.79 -3.80 31.83
CA VAL C 145 -31.32 -2.77 32.74
C VAL C 145 -32.83 -2.77 32.66
N LYS C 146 -33.48 -2.42 33.75
CA LYS C 146 -34.93 -2.35 33.80
C LYS C 146 -35.35 -1.18 34.68
N TRP C 147 -36.27 -0.36 34.17
CA TRP C 147 -36.83 0.77 34.92
C TRP C 147 -38.17 0.39 35.50
N LYS C 148 -38.50 0.95 36.66
CA LYS C 148 -39.78 0.69 37.32
C LYS C 148 -40.41 1.96 37.89
N ILE C 149 -41.70 2.15 37.58
CA ILE C 149 -42.50 3.27 38.10
C ILE C 149 -43.61 2.68 38.99
N ASP C 150 -43.51 2.95 40.29
CA ASP C 150 -44.43 2.39 41.28
C ASP C 150 -44.57 0.86 41.12
N GLY C 151 -43.44 0.18 40.95
CA GLY C 151 -43.43 -1.29 40.86
C GLY C 151 -43.60 -1.91 39.48
N THR C 152 -44.32 -1.26 38.56
CA THR C 152 -44.46 -1.77 37.18
C THR C 152 -43.42 -1.11 36.29
N GLU C 153 -42.96 -1.86 35.28
CA GLU C 153 -41.85 -1.39 34.46
C GLU C 153 -42.27 -0.42 33.37
N ARG C 154 -41.30 0.32 32.85
CA ARG C 154 -41.51 1.28 31.76
C ARG C 154 -40.42 1.10 30.71
N ARG C 155 -40.78 0.43 29.62
CA ARG C 155 -39.93 0.33 28.42
C ARG C 155 -39.93 1.62 27.57
N ASP C 156 -41.01 2.41 27.65
CA ASP C 156 -41.22 3.57 26.77
C ASP C 156 -40.32 4.75 27.19
N GLY C 157 -39.70 5.40 26.21
CA GLY C 157 -38.89 6.59 26.47
C GLY C 157 -37.54 6.37 27.12
N VAL C 158 -36.93 5.21 26.86
CA VAL C 158 -35.63 4.83 27.44
C VAL C 158 -34.59 4.80 26.32
N LEU C 159 -33.42 5.33 26.61
CA LEU C 159 -32.30 5.38 25.66
C LEU C 159 -31.01 4.94 26.33
N ASP C 160 -30.57 3.71 26.01
CA ASP C 160 -29.33 3.12 26.55
C ASP C 160 -28.14 3.43 25.65
N SER C 161 -26.95 3.51 26.24
CA SER C 161 -25.70 3.64 25.48
C SER C 161 -24.52 3.01 26.21
N VAL C 162 -23.91 2.01 25.59
CA VAL C 162 -22.75 1.29 26.15
C VAL C 162 -21.47 1.77 25.46
N THR C 163 -20.42 2.02 26.24
CA THR C 163 -19.12 2.44 25.68
C THR C 163 -18.33 1.27 25.08
N ASP C 164 -17.22 1.61 24.41
CA ASP C 164 -16.20 0.63 23.97
C ASP C 164 -15.23 0.38 25.13
N GLN C 165 -14.63 -0.81 25.16
CA GLN C 165 -13.74 -1.24 26.27
C GLN C 165 -12.75 -0.15 26.67
N ASP C 166 -12.62 0.07 27.98
CA ASP C 166 -11.72 1.11 28.49
C ASP C 166 -10.26 0.74 28.20
N SER C 167 -9.47 1.75 27.85
CA SER C 167 -8.04 1.60 27.56
C SER C 167 -7.28 1.03 28.76
N LYS C 168 -7.66 1.47 29.95
CA LYS C 168 -6.94 1.17 31.19
C LYS C 168 -7.23 -0.25 31.69
N ASP C 169 -8.50 -0.54 31.99
CA ASP C 169 -8.88 -1.79 32.71
C ASP C 169 -9.78 -2.79 31.95
N SER C 170 -9.98 -2.59 30.65
CA SER C 170 -10.74 -3.52 29.78
C SER C 170 -12.21 -3.75 30.16
N THR C 171 -12.84 -2.75 30.79
CA THR C 171 -14.25 -2.84 31.20
C THR C 171 -15.14 -2.00 30.30
N TYR C 172 -16.40 -2.41 30.20
CA TYR C 172 -17.43 -1.62 29.55
C TYR C 172 -18.16 -0.79 30.62
N SER C 173 -18.99 0.14 30.14
CA SER C 173 -19.80 1.00 31.02
C SER C 173 -21.06 1.38 30.27
N MET C 174 -22.20 1.37 30.95
CA MET C 174 -23.50 1.68 30.33
C MET C 174 -24.18 2.84 31.04
N SER C 175 -25.03 3.53 30.29
CA SER C 175 -25.86 4.62 30.80
C SER C 175 -27.20 4.61 30.08
N SER C 176 -28.29 4.49 30.82
CA SER C 176 -29.63 4.63 30.25
C SER C 176 -30.37 5.79 30.90
N THR C 177 -31.17 6.50 30.09
CA THR C 177 -31.93 7.66 30.58
C THR C 177 -33.40 7.53 30.16
N LEU C 178 -34.27 7.49 31.17
CA LEU C 178 -35.73 7.51 31.01
C LEU C 178 -36.19 8.96 30.87
N SER C 179 -36.76 9.30 29.71
CA SER C 179 -37.22 10.67 29.44
C SER C 179 -38.76 10.79 29.58
N LEU C 180 -39.19 11.73 30.42
CA LEU C 180 -40.61 11.91 30.79
C LEU C 180 -40.98 13.38 30.73
N THR C 181 -42.28 13.65 30.59
CA THR C 181 -42.81 15.00 30.84
C THR C 181 -42.81 15.24 32.35
N LYS C 182 -42.77 16.51 32.76
CA LYS C 182 -42.93 16.88 34.17
C LYS C 182 -44.30 16.41 34.70
N ALA C 183 -45.32 16.46 33.83
CA ALA C 183 -46.64 15.88 34.10
C ALA C 183 -46.55 14.40 34.47
N ASP C 184 -45.85 13.62 33.64
CA ASP C 184 -45.69 12.16 33.86
C ASP C 184 -44.72 11.79 34.99
N TYR C 185 -43.80 12.70 35.35
CA TYR C 185 -42.80 12.42 36.38
C TYR C 185 -43.41 12.28 37.76
N GLU C 186 -44.00 13.36 38.28
CA GLU C 186 -44.60 13.33 39.63
C GLU C 186 -46.03 12.78 39.65
N SER C 187 -46.57 12.43 38.47
CA SER C 187 -47.70 11.49 38.36
C SER C 187 -47.41 10.13 39.04
N HIS C 188 -46.14 9.80 39.24
CA HIS C 188 -45.74 8.60 39.98
C HIS C 188 -44.77 8.96 41.11
N ASN C 189 -44.49 7.99 41.96
CA ASN C 189 -43.77 8.21 43.22
C ASN C 189 -42.44 7.46 43.29
N LEU C 190 -42.49 6.13 43.15
CA LEU C 190 -41.31 5.25 43.31
C LEU C 190 -40.58 5.00 41.99
N TYR C 191 -39.34 5.50 41.90
CA TYR C 191 -38.49 5.37 40.69
C TYR C 191 -37.27 4.49 40.95
N THR C 192 -37.19 3.37 40.22
CA THR C 192 -36.21 2.30 40.49
C THR C 192 -35.47 1.82 39.24
N CYS C 193 -34.16 1.61 39.38
CA CYS C 193 -33.28 1.10 38.33
C CYS C 193 -32.78 -0.29 38.74
N GLU C 194 -33.07 -1.28 37.90
CA GLU C 194 -32.83 -2.70 38.20
C GLU C 194 -31.86 -3.31 37.18
N VAL C 195 -30.68 -3.72 37.65
CA VAL C 195 -29.55 -4.10 36.79
C VAL C 195 -29.21 -5.58 36.98
N VAL C 196 -29.22 -6.33 35.88
CA VAL C 196 -28.98 -7.77 35.89
C VAL C 196 -27.69 -8.09 35.13
N HIS C 197 -26.71 -8.63 35.86
CA HIS C 197 -25.43 -9.02 35.30
C HIS C 197 -25.02 -10.33 35.92
N LYS C 198 -24.27 -11.14 35.18
CA LYS C 198 -23.90 -12.48 35.66
C LYS C 198 -22.95 -12.51 36.87
N THR C 199 -22.42 -11.36 37.31
CA THR C 199 -21.69 -11.25 38.57
C THR C 199 -22.58 -11.18 39.83
N SER C 200 -23.90 -11.37 39.68
CA SER C 200 -24.78 -11.64 40.81
C SER C 200 -25.95 -12.52 40.37
N SER C 201 -26.44 -13.34 41.29
CA SER C 201 -27.61 -14.19 41.03
C SER C 201 -28.85 -13.32 40.94
N SER C 202 -29.10 -12.56 42.00
CA SER C 202 -30.15 -11.57 42.05
C SER C 202 -29.67 -10.28 41.37
N PRO C 203 -30.61 -9.43 40.88
CA PRO C 203 -30.21 -8.13 40.33
C PRO C 203 -29.70 -7.14 41.39
N VAL C 204 -28.90 -6.19 40.95
CA VAL C 204 -28.55 -5.04 41.76
C VAL C 204 -29.70 -4.06 41.58
N VAL C 205 -30.11 -3.42 42.67
CA VAL C 205 -31.21 -2.43 42.64
C VAL C 205 -30.75 -1.11 43.25
N LYS C 206 -31.07 -0.02 42.56
CA LYS C 206 -30.90 1.33 43.09
C LYS C 206 -32.16 2.12 42.77
N SER C 207 -32.55 3.01 43.67
CA SER C 207 -33.84 3.70 43.56
C SER C 207 -33.96 4.95 44.44
N PHE C 208 -35.07 5.66 44.24
CA PHE C 208 -35.46 6.81 45.05
C PHE C 208 -36.99 7.01 44.95
N ASN C 209 -37.48 8.05 45.62
CA ASN C 209 -38.86 8.53 45.43
C ASN C 209 -38.99 10.01 45.87
N ARG C 210 -40.23 10.53 45.91
CA ARG C 210 -40.50 11.95 46.29
C ARG C 210 -39.72 12.50 47.50
N ASN C 211 -39.54 11.69 48.54
CA ASN C 211 -38.74 12.09 49.71
C ASN C 211 -37.26 12.11 49.36
N GLU D 1 6.64 16.43 17.70
CA GLU D 1 7.19 17.33 16.64
C GLU D 1 6.33 17.29 15.38
N VAL D 2 6.24 16.13 14.74
CA VAL D 2 5.44 15.96 13.52
C VAL D 2 3.96 15.93 13.88
N GLN D 3 3.25 17.03 13.59
CA GLN D 3 1.82 17.17 13.94
C GLN D 3 0.95 17.67 12.78
N LEU D 4 -0.31 17.21 12.78
CA LEU D 4 -1.35 17.69 11.87
C LEU D 4 -2.64 17.90 12.65
N GLN D 5 -3.33 19.01 12.40
CA GLN D 5 -4.65 19.28 12.98
C GLN D 5 -5.64 19.67 11.88
N GLU D 6 -6.77 18.98 11.84
CA GLU D 6 -7.83 19.25 10.88
C GLU D 6 -8.93 20.08 11.54
N SER D 7 -9.17 21.27 11.03
CA SER D 7 -10.24 22.16 11.52
C SER D 7 -11.27 22.42 10.43
N GLY D 8 -12.50 22.73 10.84
CA GLY D 8 -13.60 23.02 9.91
C GLY D 8 -14.97 22.73 10.51
N PRO D 9 -16.02 23.38 9.97
CA PRO D 9 -17.36 23.29 10.57
C PRO D 9 -17.97 21.91 10.42
N GLY D 10 -18.56 21.39 11.50
CA GLY D 10 -19.18 20.06 11.50
C GLY D 10 -20.40 19.97 10.62
N LEU D 11 -21.19 21.05 10.62
CA LEU D 11 -22.39 21.17 9.79
C LEU D 11 -22.09 22.02 8.56
N VAL D 12 -22.48 21.50 7.39
CA VAL D 12 -22.67 22.29 6.18
C VAL D 12 -23.96 21.80 5.56
N GLN D 13 -24.83 22.73 5.18
CA GLN D 13 -26.13 22.39 4.59
C GLN D 13 -25.96 22.08 3.09
N PRO D 14 -26.77 21.15 2.53
CA PRO D 14 -26.50 20.62 1.17
C PRO D 14 -26.49 21.65 0.02
N SER D 15 -25.89 21.25 -1.11
CA SER D 15 -25.72 22.11 -2.29
C SER D 15 -24.88 23.36 -1.99
N GLU D 16 -23.84 23.19 -1.18
CA GLU D 16 -22.93 24.28 -0.81
C GLU D 16 -21.49 23.77 -0.85
N THR D 17 -20.53 24.62 -0.47
CA THR D 17 -19.11 24.27 -0.43
C THR D 17 -18.62 24.00 0.99
N LEU D 18 -17.67 23.07 1.12
CA LEU D 18 -17.02 22.73 2.39
C LEU D 18 -15.59 23.22 2.33
N SER D 19 -15.19 24.03 3.31
CA SER D 19 -13.84 24.55 3.40
C SER D 19 -13.15 24.02 4.66
N LEU D 20 -12.12 23.21 4.46
CA LEU D 20 -11.29 22.66 5.55
C LEU D 20 -9.87 23.23 5.53
N THR D 21 -9.17 23.06 6.64
CA THR D 21 -7.79 23.51 6.80
C THR D 21 -6.97 22.42 7.49
N CYS D 22 -5.68 22.35 7.18
CA CYS D 22 -4.75 21.42 7.83
C CYS D 22 -3.53 22.19 8.30
N THR D 23 -3.58 22.65 9.55
CA THR D 23 -2.44 23.29 10.18
C THR D 23 -1.41 22.22 10.56
N VAL D 24 -0.14 22.55 10.36
CA VAL D 24 0.96 21.58 10.35
C VAL D 24 2.15 22.15 11.15
N SER D 25 2.91 21.28 11.81
CA SER D 25 4.18 21.67 12.44
C SER D 25 5.18 20.51 12.51
N GLY D 26 6.46 20.85 12.69
CA GLY D 26 7.56 19.87 12.73
C GLY D 26 8.36 19.77 11.43
N PHE D 27 7.70 20.07 10.31
CA PHE D 27 8.30 19.98 8.97
C PHE D 27 7.81 21.09 8.06
N SER D 28 8.50 21.27 6.93
CA SER D 28 8.09 22.21 5.90
C SER D 28 7.32 21.48 4.80
N LEU D 29 6.32 22.16 4.25
CA LEU D 29 5.51 21.62 3.16
C LEU D 29 6.24 21.61 1.80
N THR D 30 7.34 22.35 1.69
CA THR D 30 8.17 22.37 0.49
C THR D 30 8.95 21.08 0.26
N SER D 31 9.25 20.35 1.34
CA SER D 31 9.96 19.07 1.28
C SER D 31 9.08 17.83 1.51
N TYR D 32 7.87 18.02 2.04
CA TYR D 32 6.94 16.91 2.29
C TYR D 32 5.58 17.17 1.65
N SER D 33 5.04 16.15 0.97
CA SER D 33 3.68 16.22 0.42
C SER D 33 2.67 16.06 1.53
N VAL D 34 1.45 16.51 1.26
CA VAL D 34 0.33 16.37 2.20
C VAL D 34 -0.90 15.92 1.41
N SER D 35 -1.52 14.84 1.88
CA SER D 35 -2.75 14.29 1.27
C SER D 35 -3.99 14.57 2.12
N TRP D 36 -5.16 14.44 1.49
CA TRP D 36 -6.46 14.52 2.15
C TRP D 36 -7.19 13.20 1.99
N LEU D 37 -7.61 12.64 3.12
CA LEU D 37 -8.41 11.40 3.16
C LEU D 37 -9.72 11.68 3.85
N ARG D 38 -10.69 10.78 3.65
CA ARG D 38 -11.94 10.80 4.39
C ARG D 38 -12.55 9.41 4.53
N GLN D 39 -13.34 9.22 5.58
CA GLN D 39 -14.07 7.96 5.80
C GLN D 39 -15.58 8.24 5.87
N PRO D 40 -16.31 7.97 4.77
CA PRO D 40 -17.78 7.97 4.81
C PRO D 40 -18.36 6.96 5.80
N SER D 41 -19.52 7.31 6.38
CA SER D 41 -20.15 6.51 7.44
C SER D 41 -20.69 5.17 6.94
N GLY D 42 -20.30 4.09 7.61
CA GLY D 42 -20.64 2.73 7.16
C GLY D 42 -19.87 2.29 5.92
N LYS D 43 -18.67 2.85 5.74
CA LYS D 43 -17.81 2.56 4.58
C LYS D 43 -16.35 2.68 4.98
N GLY D 44 -15.45 2.28 4.07
CA GLY D 44 -14.01 2.39 4.29
C GLY D 44 -13.48 3.80 4.03
N PRO D 45 -12.19 4.04 4.35
CA PRO D 45 -11.56 5.29 3.93
C PRO D 45 -11.28 5.36 2.42
N GLU D 46 -11.02 6.57 1.92
CA GLU D 46 -10.58 6.78 0.53
C GLU D 46 -9.76 8.08 0.37
N TRP D 47 -8.76 8.03 -0.51
CA TRP D 47 -7.87 9.17 -0.76
C TRP D 47 -8.55 10.19 -1.67
N MET D 48 -8.64 11.44 -1.20
CA MET D 48 -9.31 12.50 -1.94
C MET D 48 -8.37 13.16 -2.94
N GLY D 49 -7.18 13.52 -2.49
CA GLY D 49 -6.19 14.16 -3.35
C GLY D 49 -4.95 14.57 -2.57
N ARG D 50 -3.97 15.13 -3.28
CA ARG D 50 -2.68 15.50 -2.69
C ARG D 50 -2.24 16.91 -3.08
N MET D 51 -1.63 17.59 -2.13
CA MET D 51 -0.85 18.80 -2.35
C MET D 51 0.59 18.32 -2.42
N TRP D 52 1.19 18.41 -3.60
CA TRP D 52 2.58 17.98 -3.79
C TRP D 52 3.56 18.88 -3.05
N ASP D 53 4.74 18.32 -2.76
CA ASP D 53 5.84 19.09 -2.17
C ASP D 53 6.33 20.23 -3.08
N ASP D 54 6.20 20.06 -4.40
CA ASP D 54 6.58 21.09 -5.40
C ASP D 54 5.48 22.13 -5.71
N GLY D 55 4.37 22.14 -4.97
CA GLY D 55 3.32 23.14 -5.12
C GLY D 55 2.11 22.71 -5.94
N GLY D 56 2.30 21.81 -6.91
CA GLY D 56 1.19 21.32 -7.72
C GLY D 56 0.25 20.39 -6.96
N THR D 57 -0.77 19.87 -7.65
CA THR D 57 -1.79 19.03 -7.02
C THR D 57 -2.23 17.87 -7.92
N VAL D 58 -2.83 16.87 -7.30
CA VAL D 58 -3.44 15.73 -8.00
C VAL D 58 -4.68 15.29 -7.22
N TYR D 59 -5.72 14.86 -7.94
CA TYR D 59 -7.00 14.53 -7.35
C TYR D 59 -7.49 13.14 -7.74
N ASN D 60 -8.21 12.53 -6.81
CA ASN D 60 -9.12 11.42 -7.08
C ASN D 60 -9.96 11.85 -8.28
N SER D 61 -9.89 11.10 -9.38
CA SER D 61 -10.60 11.45 -10.62
C SER D 61 -12.13 11.54 -10.46
N GLY D 62 -12.68 10.79 -9.51
CA GLY D 62 -14.11 10.86 -9.18
C GLY D 62 -14.56 12.16 -8.53
N LEU D 63 -13.67 12.80 -7.77
CA LEU D 63 -13.96 14.07 -7.09
C LEU D 63 -13.31 15.28 -7.77
N LYS D 64 -12.86 15.10 -9.01
CA LYS D 64 -11.91 16.01 -9.66
C LYS D 64 -12.44 17.45 -9.85
N SER D 65 -13.70 17.58 -10.25
CA SER D 65 -14.32 18.91 -10.48
C SER D 65 -14.74 19.62 -9.18
N ARG D 66 -15.20 18.85 -8.20
CA ARG D 66 -15.62 19.41 -6.90
C ARG D 66 -14.44 19.91 -6.06
N LEU D 67 -13.31 19.19 -6.11
CA LEU D 67 -12.16 19.48 -5.26
C LEU D 67 -11.26 20.59 -5.80
N SER D 68 -10.53 21.21 -4.87
CA SER D 68 -9.43 22.12 -5.20
C SER D 68 -8.57 22.36 -3.95
N ILE D 69 -7.33 21.89 -3.99
CA ILE D 69 -6.41 21.92 -2.86
C ILE D 69 -5.42 23.06 -3.07
N SER D 70 -5.06 23.76 -1.99
CA SER D 70 -4.09 24.86 -2.03
C SER D 70 -3.24 24.83 -0.76
N ARG D 71 -2.29 25.76 -0.64
CA ARG D 71 -1.47 25.86 0.57
C ARG D 71 -0.87 27.26 0.78
N ASP D 72 -0.34 27.46 1.99
CA ASP D 72 0.36 28.67 2.38
C ASP D 72 1.54 28.27 3.26
N THR D 73 2.75 28.27 2.70
CA THR D 73 3.92 27.69 3.37
C THR D 73 4.41 28.47 4.60
N SER D 74 4.11 29.76 4.66
CA SER D 74 4.41 30.61 5.83
C SER D 74 3.44 30.32 6.98
N LYS D 75 2.15 30.23 6.64
CA LYS D 75 1.11 29.83 7.60
C LYS D 75 1.13 28.32 7.95
N ASN D 76 1.86 27.51 7.17
CA ASN D 76 1.96 26.06 7.39
C ASN D 76 0.58 25.41 7.37
N GLN D 77 -0.22 25.82 6.39
CA GLN D 77 -1.60 25.38 6.25
C GLN D 77 -1.82 24.81 4.86
N VAL D 78 -2.59 23.74 4.79
CA VAL D 78 -3.05 23.15 3.53
C VAL D 78 -4.57 23.26 3.58
N PHE D 79 -5.17 23.70 2.48
CA PHE D 79 -6.59 23.98 2.43
C PHE D 79 -7.30 23.00 1.53
N LEU D 80 -8.59 22.83 1.77
CA LEU D 80 -9.44 22.03 0.91
C LEU D 80 -10.71 22.83 0.66
N LYS D 81 -11.24 22.73 -0.56
CA LYS D 81 -12.55 23.26 -0.90
C LYS D 81 -13.27 22.19 -1.69
N MET D 82 -14.53 21.92 -1.32
CA MET D 82 -15.30 20.84 -1.96
C MET D 82 -16.75 21.27 -2.19
N ASN D 83 -17.03 21.78 -3.39
CA ASN D 83 -18.37 22.30 -3.72
C ASN D 83 -19.40 21.20 -4.04
N SER D 84 -20.67 21.62 -4.16
CA SER D 84 -21.81 20.74 -4.46
C SER D 84 -21.91 19.51 -3.53
N LEU D 85 -22.15 19.80 -2.25
CA LEU D 85 -22.25 18.75 -1.22
C LEU D 85 -23.58 18.02 -1.26
N GLN D 86 -23.63 16.90 -0.56
CA GLN D 86 -24.84 16.06 -0.46
C GLN D 86 -24.74 15.10 0.73
N THR D 87 -25.82 14.38 1.01
CA THR D 87 -25.88 13.46 2.15
C THR D 87 -24.86 12.33 2.10
N ASP D 88 -24.52 11.85 0.89
CA ASP D 88 -23.54 10.78 0.71
C ASP D 88 -22.09 11.14 1.10
N ASP D 89 -21.79 12.42 1.33
CA ASP D 89 -20.45 12.90 1.70
C ASP D 89 -20.30 13.18 3.21
N THR D 90 -20.96 12.35 4.03
CA THR D 90 -20.98 12.50 5.49
C THR D 90 -19.95 11.57 6.11
N GLY D 91 -18.98 12.14 6.83
CA GLY D 91 -17.95 11.33 7.47
C GLY D 91 -16.88 12.11 8.21
N THR D 92 -15.76 11.43 8.49
CA THR D 92 -14.58 12.05 9.10
C THR D 92 -13.57 12.39 8.01
N TYR D 93 -12.82 13.49 8.20
CA TYR D 93 -11.91 14.05 7.20
C TYR D 93 -10.51 14.28 7.79
N TYR D 94 -9.52 13.54 7.28
CA TYR D 94 -8.12 13.65 7.75
C TYR D 94 -7.18 14.22 6.68
N CYS D 95 -6.13 14.89 7.15
CA CYS D 95 -4.98 15.24 6.31
C CYS D 95 -3.79 14.43 6.81
N THR D 96 -2.87 14.10 5.91
CA THR D 96 -1.77 13.18 6.20
C THR D 96 -0.45 13.67 5.62
N ARG D 97 0.65 13.34 6.28
CA ARG D 97 1.98 13.59 5.73
C ARG D 97 2.46 12.35 5.00
N ASP D 98 2.77 12.51 3.72
CA ASP D 98 3.16 11.40 2.86
C ASP D 98 4.68 11.23 2.84
N GLU D 99 5.12 9.98 2.92
CA GLU D 99 6.52 9.61 2.72
C GLU D 99 6.60 9.02 1.31
N ARG D 100 7.81 8.92 0.75
CA ARG D 100 8.01 8.36 -0.61
C ARG D 100 9.23 7.46 -0.79
N ILE D 101 9.18 6.65 -1.83
CA ILE D 101 10.33 5.92 -2.34
C ILE D 101 10.26 6.04 -3.87
N ARG D 102 11.28 6.65 -4.46
CA ARG D 102 11.31 6.91 -5.89
C ARG D 102 10.01 7.66 -6.30
N ALA D 103 9.17 7.08 -7.15
CA ALA D 103 7.91 7.72 -7.58
C ALA D 103 6.67 7.27 -6.79
N ILE D 104 6.85 6.30 -5.89
CA ILE D 104 5.75 5.72 -5.11
C ILE D 104 5.54 6.56 -3.85
N ASN D 105 4.29 6.64 -3.38
CA ASN D 105 3.94 7.38 -2.16
C ASN D 105 3.06 6.54 -1.21
N TRP D 106 3.13 6.86 0.07
CA TRP D 106 2.24 6.29 1.07
C TRP D 106 1.97 7.28 2.20
N PHE D 107 0.98 6.98 3.04
CA PHE D 107 0.54 7.90 4.09
C PHE D 107 1.26 7.55 5.39
N ALA D 108 2.09 8.47 5.88
CA ALA D 108 2.93 8.21 7.05
C ALA D 108 2.25 8.66 8.35
N TYR D 109 1.81 9.91 8.37
CA TYR D 109 1.24 10.52 9.57
C TYR D 109 -0.18 10.99 9.35
N TRP D 110 -0.88 11.22 10.45
CA TRP D 110 -2.29 11.67 10.44
C TRP D 110 -2.52 12.75 11.50
N GLY D 111 -3.61 13.48 11.33
CA GLY D 111 -4.15 14.32 12.38
C GLY D 111 -5.35 13.62 12.99
N GLN D 112 -5.85 14.16 14.10
CA GLN D 112 -6.98 13.60 14.85
C GLN D 112 -8.20 13.35 13.95
N GLY D 113 -8.54 14.36 13.14
CA GLY D 113 -9.64 14.28 12.18
C GLY D 113 -10.60 15.43 12.34
N THR D 114 -11.71 15.36 11.62
CA THR D 114 -12.83 16.29 11.74
C THR D 114 -14.08 15.61 11.21
N LEU D 115 -15.12 15.57 12.04
CA LEU D 115 -16.42 15.03 11.60
C LEU D 115 -17.13 16.11 10.77
N VAL D 116 -17.67 15.70 9.63
CA VAL D 116 -18.38 16.59 8.72
C VAL D 116 -19.66 15.89 8.28
N THR D 117 -20.79 16.53 8.57
CA THR D 117 -22.12 15.96 8.34
C THR D 117 -22.96 16.92 7.50
N VAL D 118 -23.70 16.35 6.54
CA VAL D 118 -24.41 17.11 5.50
C VAL D 118 -25.94 16.97 5.64
N SER D 119 -26.53 17.94 6.35
CA SER D 119 -27.99 18.03 6.54
C SER D 119 -28.44 19.48 6.68
N SER D 120 -29.68 19.74 6.26
CA SER D 120 -30.25 21.08 6.27
C SER D 120 -30.55 21.64 7.67
N ALA D 121 -30.72 20.75 8.65
CA ALA D 121 -31.12 21.13 10.02
C ALA D 121 -30.27 22.21 10.66
N GLU D 122 -30.89 22.99 11.54
CA GLU D 122 -30.24 24.13 12.20
C GLU D 122 -29.32 23.63 13.31
N THR D 123 -28.22 24.34 13.54
CA THR D 123 -27.29 24.03 14.63
C THR D 123 -27.96 24.33 15.97
N THR D 124 -28.24 23.29 16.74
CA THR D 124 -29.02 23.41 17.96
C THR D 124 -28.10 23.58 19.17
N ALA D 125 -28.57 24.41 20.13
CA ALA D 125 -27.80 24.71 21.33
C ALA D 125 -27.99 23.60 22.36
N PRO D 126 -26.88 23.07 22.96
CA PRO D 126 -27.01 22.01 23.97
C PRO D 126 -27.68 22.49 25.26
N SER D 127 -28.02 21.52 26.12
CA SER D 127 -28.52 21.79 27.46
C SER D 127 -27.76 20.89 28.42
N VAL D 128 -27.02 21.49 29.36
CA VAL D 128 -26.23 20.75 30.33
C VAL D 128 -26.90 20.88 31.71
N TYR D 129 -27.63 19.82 32.09
CA TYR D 129 -28.24 19.72 33.42
C TYR D 129 -27.31 18.93 34.35
N PRO D 130 -27.37 19.19 35.68
CA PRO D 130 -26.56 18.48 36.65
C PRO D 130 -27.20 17.16 37.11
N LEU D 131 -26.36 16.21 37.53
CA LEU D 131 -26.81 14.94 38.09
C LEU D 131 -26.08 14.71 39.42
N ALA D 132 -26.84 14.76 40.52
CA ALA D 132 -26.30 14.58 41.87
C ALA D 132 -27.19 13.64 42.69
N PRO D 133 -26.58 12.77 43.53
CA PRO D 133 -27.34 11.75 44.27
C PRO D 133 -28.13 12.31 45.45
N GLY D 134 -29.10 11.52 45.92
CA GLY D 134 -29.95 11.89 47.06
C GLY D 134 -29.36 11.46 48.39
N THR D 135 -29.24 10.15 48.57
CA THR D 135 -28.73 9.54 49.81
C THR D 135 -27.19 9.50 49.82
N ALA D 136 -26.61 9.58 51.02
CA ALA D 136 -25.16 9.46 51.23
C ALA D 136 -24.89 8.38 52.28
N LEU D 137 -24.43 7.21 51.84
CA LEU D 137 -24.26 6.04 52.72
C LEU D 137 -23.03 6.14 53.63
N LYS D 138 -21.83 5.96 53.05
CA LYS D 138 -20.56 5.91 53.81
C LYS D 138 -19.59 7.00 53.37
N SER D 139 -18.54 7.20 54.18
CA SER D 139 -17.42 8.08 53.83
C SER D 139 -16.28 7.24 53.23
N ASN D 140 -16.47 6.83 51.97
CA ASN D 140 -15.57 5.91 51.24
C ASN D 140 -14.86 6.61 50.06
N SER D 141 -13.86 5.95 49.47
CA SER D 141 -13.02 6.59 48.44
C SER D 141 -13.63 6.67 47.01
N MET D 142 -14.90 6.27 46.84
CA MET D 142 -15.55 6.27 45.52
C MET D 142 -17.00 6.83 45.59
N VAL D 143 -17.25 7.93 44.87
CA VAL D 143 -18.62 8.47 44.66
C VAL D 143 -18.76 9.03 43.22
N THR D 144 -19.75 8.54 42.48
CA THR D 144 -19.99 8.94 41.10
C THR D 144 -20.85 10.21 41.00
N LEU D 145 -20.42 11.14 40.15
CA LEU D 145 -21.17 12.37 39.83
C LEU D 145 -21.14 12.58 38.31
N GLY D 146 -22.17 13.22 37.75
CA GLY D 146 -22.28 13.34 36.29
C GLY D 146 -23.05 14.53 35.72
N CYS D 147 -22.90 14.71 34.41
CA CYS D 147 -23.52 15.80 33.65
C CYS D 147 -24.40 15.24 32.51
N LEU D 148 -25.57 15.84 32.32
CA LEU D 148 -26.52 15.42 31.29
C LEU D 148 -26.53 16.42 30.14
N VAL D 149 -25.93 16.03 29.00
CA VAL D 149 -25.87 16.87 27.80
C VAL D 149 -27.06 16.52 26.90
N LYS D 150 -28.07 17.39 26.82
CA LYS D 150 -29.32 17.09 26.10
C LYS D 150 -29.64 18.05 24.95
N GLY D 151 -29.94 17.48 23.78
CA GLY D 151 -30.56 18.21 22.69
C GLY D 151 -29.67 19.18 21.93
N TYR D 152 -28.61 18.66 21.33
CA TYR D 152 -27.68 19.45 20.51
C TYR D 152 -27.52 18.83 19.12
N PHE D 153 -27.11 19.65 18.15
CA PHE D 153 -26.86 19.20 16.77
C PHE D 153 -25.76 20.03 16.10
N PRO D 154 -24.77 19.40 15.44
CA PRO D 154 -24.56 17.94 15.33
C PRO D 154 -23.39 17.45 16.17
N GLU D 155 -23.08 16.16 16.06
CA GLU D 155 -21.90 15.56 16.70
C GLU D 155 -20.60 16.10 16.11
N PRO D 156 -19.48 16.04 16.83
CA PRO D 156 -19.37 15.44 18.18
C PRO D 156 -19.60 16.46 19.30
N VAL D 157 -19.33 16.04 20.54
CA VAL D 157 -19.31 16.94 21.71
C VAL D 157 -18.15 16.50 22.62
N THR D 158 -17.53 17.44 23.33
CA THR D 158 -16.37 17.15 24.19
C THR D 158 -16.56 17.73 25.59
N VAL D 159 -16.45 16.86 26.60
CA VAL D 159 -16.74 17.20 27.99
C VAL D 159 -15.44 17.34 28.78
N THR D 160 -15.39 18.37 29.62
CA THR D 160 -14.26 18.63 30.52
C THR D 160 -14.78 18.62 31.96
N TRP D 161 -13.97 18.13 32.89
CA TRP D 161 -14.33 18.01 34.30
C TRP D 161 -13.32 18.75 35.18
N ASN D 162 -13.80 19.74 35.95
CA ASN D 162 -12.96 20.69 36.71
C ASN D 162 -11.61 21.00 36.03
N SER D 163 -11.69 21.79 34.95
CA SER D 163 -10.58 22.04 34.01
C SER D 163 -10.14 20.73 33.33
N GLY D 164 -9.08 20.08 33.83
CA GLY D 164 -8.69 18.74 33.38
C GLY D 164 -8.07 17.85 34.45
N ALA D 165 -8.39 18.14 35.72
CA ALA D 165 -7.84 17.38 36.86
C ALA D 165 -8.59 16.07 37.12
N LEU D 166 -9.69 15.84 36.40
CA LEU D 166 -10.43 14.59 36.47
C LEU D 166 -9.58 13.42 35.97
N SER D 167 -9.11 13.52 34.72
CA SER D 167 -8.21 12.54 34.11
C SER D 167 -8.76 11.08 34.07
N SER D 168 -8.24 10.18 34.91
CA SER D 168 -8.56 8.74 34.83
C SER D 168 -9.92 8.33 35.46
N GLY D 169 -10.52 9.21 36.25
CA GLY D 169 -11.81 8.93 36.89
C GLY D 169 -13.05 9.06 36.03
N VAL D 170 -12.94 9.73 34.87
CA VAL D 170 -14.10 10.10 34.04
C VAL D 170 -14.55 8.98 33.10
N HIS D 171 -15.86 8.88 32.91
CA HIS D 171 -16.48 8.12 31.83
C HIS D 171 -17.40 9.06 31.06
N THR D 172 -17.38 8.99 29.74
CA THR D 172 -18.40 9.64 28.89
C THR D 172 -18.88 8.60 27.88
N PHE D 173 -20.16 8.69 27.50
CA PHE D 173 -20.85 7.62 26.77
C PHE D 173 -21.20 8.06 25.36
N PRO D 174 -21.40 7.09 24.43
CA PRO D 174 -21.88 7.44 23.09
C PRO D 174 -23.25 8.13 23.14
N ALA D 175 -23.40 9.19 22.35
CA ALA D 175 -24.68 9.91 22.25
C ALA D 175 -25.71 9.08 21.47
N VAL D 176 -26.98 9.45 21.63
CA VAL D 176 -28.09 8.77 20.94
C VAL D 176 -29.02 9.81 20.34
N LEU D 177 -29.60 9.46 19.18
CA LEU D 177 -30.57 10.30 18.47
C LEU D 177 -31.98 9.91 18.86
N GLN D 178 -32.78 10.88 19.31
CA GLN D 178 -34.16 10.64 19.72
C GLN D 178 -35.14 11.09 18.64
N SER D 179 -34.98 12.33 18.17
CA SER D 179 -35.75 12.85 17.04
C SER D 179 -34.96 13.94 16.33
N GLY D 180 -33.92 13.51 15.62
CA GLY D 180 -33.06 14.42 14.86
C GLY D 180 -32.13 15.32 15.65
N LEU D 181 -32.00 15.09 16.97
CA LEU D 181 -31.04 15.83 17.79
C LEU D 181 -30.43 14.94 18.89
N TYR D 182 -29.13 15.12 19.10
CA TYR D 182 -28.34 14.21 19.92
C TYR D 182 -28.47 14.51 21.41
N THR D 183 -28.12 13.53 22.22
CA THR D 183 -28.11 13.66 23.68
C THR D 183 -27.14 12.65 24.31
N LEU D 184 -26.36 13.13 25.27
CA LEU D 184 -25.19 12.40 25.80
C LEU D 184 -25.01 12.63 27.31
N THR D 185 -24.38 11.67 27.97
CA THR D 185 -24.04 11.78 29.40
C THR D 185 -22.55 11.59 29.64
N SER D 186 -22.11 12.05 30.80
CA SER D 186 -20.72 11.92 31.25
C SER D 186 -20.67 11.89 32.78
N SER D 187 -19.70 11.15 33.33
CA SER D 187 -19.59 10.92 34.77
C SER D 187 -18.15 11.00 35.27
N VAL D 188 -17.99 10.95 36.59
CA VAL D 188 -16.66 10.95 37.22
C VAL D 188 -16.72 10.40 38.66
N THR D 189 -15.70 9.62 39.03
CA THR D 189 -15.59 9.04 40.37
C THR D 189 -14.54 9.80 41.19
N VAL D 190 -14.92 10.18 42.42
CA VAL D 190 -14.05 10.93 43.34
C VAL D 190 -14.09 10.31 44.75
N PRO D 191 -13.19 10.75 45.66
CA PRO D 191 -13.38 10.41 47.08
C PRO D 191 -14.63 11.09 47.63
N SER D 192 -15.43 10.35 48.40
CA SER D 192 -16.70 10.87 48.93
C SER D 192 -16.54 12.00 49.96
N SER D 193 -15.35 12.13 50.54
CA SER D 193 -15.00 13.29 51.37
C SER D 193 -14.83 14.58 50.54
N THR D 194 -14.43 14.44 49.28
CA THR D 194 -14.23 15.57 48.36
C THR D 194 -15.55 16.26 47.96
N TRP D 195 -16.59 15.47 47.67
CA TRP D 195 -17.83 16.00 47.10
C TRP D 195 -18.57 17.04 47.97
N PRO D 196 -18.66 16.79 49.30
CA PRO D 196 -19.20 17.82 50.21
C PRO D 196 -18.27 19.03 50.42
N SER D 197 -16.98 18.76 50.63
CA SER D 197 -15.98 19.81 50.90
C SER D 197 -15.70 20.67 49.66
N GLN D 198 -15.09 20.07 48.63
CA GLN D 198 -14.86 20.76 47.35
C GLN D 198 -16.18 20.96 46.59
N THR D 199 -16.26 22.05 45.84
CA THR D 199 -17.34 22.25 44.86
C THR D 199 -17.02 21.37 43.65
N VAL D 200 -18.06 20.82 43.03
CA VAL D 200 -17.93 19.86 41.92
C VAL D 200 -18.62 20.43 40.66
N THR D 201 -17.91 20.41 39.53
CA THR D 201 -18.34 21.12 38.34
C THR D 201 -17.73 20.55 37.05
N CYS D 202 -18.60 20.33 36.05
CA CYS D 202 -18.19 19.92 34.70
C CYS D 202 -18.44 21.06 33.71
N ASN D 203 -17.74 21.01 32.57
CA ASN D 203 -17.88 22.01 31.49
C ASN D 203 -17.78 21.31 30.13
N VAL D 204 -18.67 21.65 29.20
CA VAL D 204 -18.84 20.94 27.93
C VAL D 204 -18.56 21.85 26.73
N ALA D 205 -18.17 21.27 25.60
CA ALA D 205 -17.95 22.03 24.35
C ALA D 205 -18.52 21.30 23.12
N HIS D 206 -19.09 22.08 22.19
CA HIS D 206 -19.81 21.57 21.01
C HIS D 206 -19.34 22.37 19.76
N PRO D 207 -18.68 21.69 18.79
CA PRO D 207 -17.96 22.38 17.71
C PRO D 207 -18.80 22.98 16.57
N GLY D 208 -19.93 22.36 16.26
CA GLY D 208 -20.80 22.80 15.16
C GLY D 208 -21.42 24.17 15.33
N GLN D 209 -21.88 24.47 16.55
CA GLN D 209 -22.44 25.78 16.92
C GLN D 209 -21.49 26.62 17.81
N GLN D 210 -20.29 26.11 18.06
CA GLN D 210 -19.31 26.72 18.96
C GLN D 210 -19.75 26.78 20.43
N HIS D 211 -20.71 25.93 20.82
CA HIS D 211 -21.37 26.04 22.12
C HIS D 211 -20.42 25.69 23.29
N GLN D 212 -20.63 26.35 24.43
CA GLN D 212 -19.79 26.19 25.63
C GLN D 212 -20.58 26.57 26.89
N ARG D 213 -20.40 25.80 27.97
CA ARG D 213 -21.07 26.06 29.26
C ARG D 213 -20.41 25.30 30.43
N TRP D 214 -20.63 25.81 31.64
CA TRP D 214 -20.21 25.17 32.90
C TRP D 214 -21.39 25.01 33.87
N THR D 215 -21.39 23.95 34.68
CA THR D 215 -22.46 23.69 35.67
C THR D 215 -21.90 23.09 36.96
N ARG D 216 -22.37 23.61 38.11
CA ARG D 216 -22.02 23.07 39.43
C ARG D 216 -23.19 22.29 40.03
N LYS D 217 -22.86 21.35 40.92
CA LYS D 217 -23.86 20.42 41.48
C LYS D 217 -24.62 21.06 42.64
N LEU D 218 -25.95 20.94 42.60
CA LEU D 218 -26.83 21.52 43.61
C LEU D 218 -27.32 20.43 44.58
N CYS D 219 -26.34 19.78 45.23
CA CYS D 219 -26.62 18.66 46.14
C CYS D 219 -27.21 19.14 47.46
#